data_9F9V
#
_entry.id   9F9V
#
_cell.length_a   44.390
_cell.length_b   62.110
_cell.length_c   66.900
_cell.angle_alpha   68.830
_cell.angle_beta   88.340
_cell.angle_gamma   78.920
#
_symmetry.space_group_name_H-M   'P 1'
#
loop_
_entity.id
_entity.type
_entity.pdbx_description
1 polymer 'Putative secreted protein'
2 non-polymer '3[N-MORPHOLINO]PROPANE SULFONIC ACID'
3 non-polymer 'SULFATE ION'
4 non-polymer 'CALCIUM ION'
5 water water
#
_entity_poly.entity_id   1
_entity_poly.type   'polypeptide(L)'
_entity_poly.pdbx_seq_one_letter_code
;GSGMPAFSWDTVPVYLHFGSPTKMTNEQVQTAARLSNFICLEKAHGRTTDREHPERIAAEDAQRIKTANPDAKVLMYWNT
LIAWPFTSYNSDFAETHPENWTLRDRSTGEPLLKAMHGSTPVYQYNLLNPDVRKWWADTIGGAVNEFNFDGVFMDAVSQS
KRPLWLQKGWGLDKADELDAAAVDMMRQTKAIIGNNRLLIYNGFRSKSGGPDNNAAAGTEFLPYSDGAQIEHFDQLSSIT
KEDMVAYWKMAATAAKDNKIVLYKAWPDHDINWLNRKFMSQSPAKKEAFAREKITYPLACYLIGAEENSYFCYGWGYGID
DGQLVDYPEYRKPLGAPKSRARRTGWIFRREFEHANVAVDLENRKARIQWLRD
;
_entity_poly.pdbx_strand_id   A,B
#
loop_
_chem_comp.id
_chem_comp.type
_chem_comp.name
_chem_comp.formula
CA non-polymer 'CALCIUM ION' 'Ca 2'
MPO non-polymer '3[N-MORPHOLINO]PROPANE SULFONIC ACID' 'C7 H15 N O4 S'
SO4 non-polymer 'SULFATE ION' 'O4 S -2'
#
# COMPACT_ATOMS: atom_id res chain seq x y z
N MET A 4 0.94 5.67 -0.38
CA MET A 4 -0.01 6.78 -0.09
C MET A 4 0.78 8.09 0.04
N PRO A 5 0.27 9.18 -0.53
CA PRO A 5 0.93 10.47 -0.34
C PRO A 5 0.80 10.92 1.10
N ALA A 6 1.80 11.66 1.57
CA ALA A 6 1.74 12.24 2.91
C ALA A 6 0.52 13.13 3.03
N PHE A 7 -0.38 12.78 3.94
CA PHE A 7 -1.63 13.51 4.13
C PHE A 7 -1.59 14.27 5.45
N SER A 8 -2.12 15.48 5.44
CA SER A 8 -2.15 16.33 6.62
C SER A 8 -3.38 17.21 6.56
N TRP A 9 -3.99 17.43 7.73
CA TRP A 9 -5.10 18.36 7.86
C TRP A 9 -4.62 19.79 8.15
N ASP A 10 -3.31 20.01 8.24
CA ASP A 10 -2.81 21.33 8.60
C ASP A 10 -3.34 22.40 7.66
N THR A 11 -3.34 22.12 6.35
CA THR A 11 -3.92 22.99 5.36
C THR A 11 -4.71 22.13 4.37
N VAL A 12 -5.44 22.78 3.47
CA VAL A 12 -6.26 22.09 2.48
C VAL A 12 -5.37 21.15 1.67
N PRO A 13 -5.68 19.85 1.61
CA PRO A 13 -4.90 18.93 0.76
C PRO A 13 -5.18 19.18 -0.71
N VAL A 14 -4.13 19.52 -1.47
CA VAL A 14 -4.27 19.94 -2.86
C VAL A 14 -3.74 18.84 -3.78
N TYR A 15 -4.49 18.58 -4.84
CA TYR A 15 -4.12 17.69 -5.94
C TYR A 15 -4.02 18.50 -7.21
N LEU A 16 -2.98 18.24 -8.01
CA LEU A 16 -2.80 18.91 -9.30
C LEU A 16 -2.92 17.89 -10.42
N HIS A 17 -3.57 18.30 -11.52
CA HIS A 17 -3.83 17.42 -12.65
C HIS A 17 -3.75 18.26 -13.92
N PHE A 18 -2.60 18.26 -14.57
CA PHE A 18 -2.37 19.18 -15.67
C PHE A 18 -1.35 18.61 -16.64
N GLY A 19 -1.30 19.21 -17.82
CA GLY A 19 -0.28 18.88 -18.81
C GLY A 19 0.18 20.12 -19.53
N SER A 20 1.45 20.12 -19.90
CA SER A 20 2.04 21.18 -20.69
C SER A 20 2.58 20.57 -21.99
N PRO A 21 2.26 21.13 -23.16
CA PRO A 21 2.83 20.58 -24.39
C PRO A 21 4.35 20.65 -24.42
N THR A 22 4.94 21.62 -23.73
CA THR A 22 6.38 21.78 -23.66
C THR A 22 6.87 21.40 -22.27
N LYS A 23 8.12 20.97 -22.20
CA LYS A 23 8.76 20.68 -20.92
C LYS A 23 8.61 21.87 -19.99
N MET A 24 8.24 21.60 -18.74
CA MET A 24 7.92 22.67 -17.80
C MET A 24 9.13 23.58 -17.57
N THR A 25 8.84 24.84 -17.28
CA THR A 25 9.87 25.77 -16.86
C THR A 25 10.25 25.49 -15.42
N ASN A 26 11.44 25.98 -15.04
CA ASN A 26 11.87 25.85 -13.64
C ASN A 26 10.86 26.47 -12.69
N GLU A 27 10.27 27.61 -13.09
CA GLU A 27 9.27 28.24 -12.24
C GLU A 27 8.03 27.38 -12.10
N GLN A 28 7.57 26.79 -13.21
CA GLN A 28 6.39 25.93 -13.16
C GLN A 28 6.63 24.74 -12.23
N VAL A 29 7.81 24.12 -12.33
CA VAL A 29 8.14 23.00 -11.45
C VAL A 29 8.13 23.43 -10.00
N GLN A 30 8.73 24.59 -9.71
CA GLN A 30 8.79 25.06 -8.33
C GLN A 30 7.40 25.38 -7.79
N THR A 31 6.55 25.97 -8.64
CA THR A 31 5.19 26.32 -8.21
C THR A 31 4.38 25.07 -7.92
N ALA A 32 4.39 24.10 -8.83
CA ALA A 32 3.66 22.87 -8.61
C ALA A 32 4.12 22.18 -7.33
N ALA A 33 5.42 22.24 -7.04
CA ALA A 33 5.95 21.47 -5.92
C ALA A 33 5.55 22.07 -4.58
N ARG A 34 5.47 23.40 -4.49
CA ARG A 34 5.07 23.98 -3.22
C ARG A 34 3.56 23.92 -2.98
N LEU A 35 2.77 23.80 -4.05
CA LEU A 35 1.32 23.71 -3.89
C LEU A 35 0.86 22.33 -3.42
N SER A 36 1.55 21.27 -3.86
CA SER A 36 0.95 19.94 -3.81
C SER A 36 1.98 18.85 -3.60
N ASN A 37 1.53 17.79 -2.92
CA ASN A 37 2.27 16.54 -2.78
C ASN A 37 1.72 15.44 -3.68
N PHE A 38 0.77 15.75 -4.56
CA PHE A 38 0.03 14.73 -5.30
C PHE A 38 -0.33 15.32 -6.66
N ILE A 39 0.31 14.81 -7.71
CA ILE A 39 0.26 15.43 -9.04
C ILE A 39 0.10 14.34 -10.09
N CYS A 40 -0.72 14.62 -11.11
CA CYS A 40 -0.79 13.79 -12.31
C CYS A 40 -0.47 14.66 -13.52
N LEU A 41 0.41 14.15 -14.39
CA LEU A 41 0.70 14.80 -15.66
C LEU A 41 -0.18 14.18 -16.75
N GLU A 42 -0.75 15.04 -17.59
CA GLU A 42 -1.81 14.62 -18.51
C GLU A 42 -1.26 13.95 -19.77
N LYS A 43 -2.21 13.56 -20.64
CA LYS A 43 -1.97 12.56 -21.67
C LYS A 43 -0.97 13.01 -22.71
N ALA A 44 -0.89 14.32 -22.98
CA ALA A 44 -0.05 14.84 -24.05
C ALA A 44 1.11 15.67 -23.51
N HIS A 45 1.43 15.52 -22.22
CA HIS A 45 2.51 16.31 -21.64
C HIS A 45 3.81 16.09 -22.41
N GLY A 46 4.40 17.19 -22.87
CA GLY A 46 5.69 17.15 -23.53
C GLY A 46 5.65 16.82 -25.00
N ARG A 47 4.46 16.76 -25.61
CA ARG A 47 4.36 16.29 -26.99
C ARG A 47 5.04 17.23 -27.97
N THR A 48 5.16 18.51 -27.62
CA THR A 48 5.86 19.44 -28.50
C THR A 48 7.38 19.33 -28.36
N THR A 49 7.85 19.09 -27.13
CA THR A 49 9.29 18.99 -26.89
C THR A 49 9.87 17.72 -27.51
N ASP A 50 9.22 16.59 -27.30
CA ASP A 50 9.65 15.31 -27.88
C ASP A 50 8.40 14.63 -28.41
N ARG A 51 8.14 14.80 -29.71
CA ARG A 51 6.94 14.23 -30.32
C ARG A 51 7.06 12.72 -30.50
N GLU A 52 8.27 12.18 -30.48
CA GLU A 52 8.45 10.74 -30.66
C GLU A 52 8.30 9.99 -29.34
N HIS A 53 8.79 10.56 -28.24
CA HIS A 53 8.77 9.91 -26.93
C HIS A 53 8.38 10.91 -25.85
N PRO A 54 7.18 11.48 -25.94
CA PRO A 54 6.77 12.45 -24.90
C PRO A 54 6.68 11.84 -23.51
N GLU A 55 6.58 10.51 -23.39
CA GLU A 55 6.59 9.90 -22.06
C GLU A 55 7.89 10.22 -21.33
N ARG A 56 8.97 10.41 -22.07
CA ARG A 56 10.25 10.74 -21.46
C ARG A 56 10.25 12.15 -20.89
N ILE A 57 9.50 13.07 -21.52
CA ILE A 57 9.40 14.42 -20.99
C ILE A 57 8.54 14.44 -19.73
N ALA A 58 7.43 13.70 -19.73
CA ALA A 58 6.65 13.58 -18.51
C ALA A 58 7.49 12.98 -17.40
N ALA A 59 8.33 11.99 -17.72
CA ALA A 59 9.20 11.38 -16.71
C ALA A 59 10.20 12.40 -16.17
N GLU A 60 10.83 13.17 -17.05
CA GLU A 60 11.80 14.16 -16.60
C GLU A 60 11.14 15.21 -15.73
N ASP A 61 9.94 15.68 -16.11
CA ASP A 61 9.28 16.69 -15.30
C ASP A 61 8.78 16.11 -13.98
N ALA A 62 8.34 14.85 -13.96
CA ALA A 62 8.00 14.23 -12.69
C ALA A 62 9.21 14.19 -11.76
N GLN A 63 10.39 13.85 -12.30
CA GLN A 63 11.59 13.79 -11.47
C GLN A 63 11.99 15.17 -10.98
N ARG A 64 11.84 16.19 -11.83
CA ARG A 64 12.16 17.55 -11.42
C ARG A 64 11.23 18.00 -10.30
N ILE A 65 9.94 17.66 -10.40
CA ILE A 65 9.00 17.99 -9.33
C ILE A 65 9.45 17.33 -8.03
N LYS A 66 9.80 16.05 -8.09
CA LYS A 66 10.21 15.34 -6.87
C LYS A 66 11.58 15.78 -6.38
N THR A 67 12.42 16.32 -7.26
CA THR A 67 13.66 16.95 -6.78
C THR A 67 13.35 18.18 -5.94
N ALA A 68 12.31 18.94 -6.33
CA ALA A 68 11.91 20.10 -5.56
C ALA A 68 11.06 19.72 -4.35
N ASN A 69 10.31 18.61 -4.43
CA ASN A 69 9.45 18.16 -3.34
C ASN A 69 9.56 16.65 -3.20
N PRO A 70 10.49 16.17 -2.38
CA PRO A 70 10.65 14.71 -2.23
C PRO A 70 9.40 14.02 -1.71
N ASP A 71 8.48 14.75 -1.09
CA ASP A 71 7.24 14.16 -0.61
C ASP A 71 6.18 14.05 -1.70
N ALA A 72 6.43 14.58 -2.89
CA ALA A 72 5.42 14.56 -3.94
C ALA A 72 5.29 13.17 -4.56
N LYS A 73 4.05 12.77 -4.80
CA LYS A 73 3.73 11.59 -5.60
C LYS A 73 3.21 12.06 -6.94
N VAL A 74 3.78 11.52 -8.02
CA VAL A 74 3.41 11.94 -9.38
C VAL A 74 2.90 10.71 -10.12
N LEU A 75 1.69 10.80 -10.66
CA LEU A 75 1.06 9.72 -11.39
C LEU A 75 1.26 9.91 -12.89
N MET A 76 1.41 8.80 -13.60
CA MET A 76 1.43 8.80 -15.06
C MET A 76 0.03 8.54 -15.59
N TYR A 77 -0.35 9.29 -16.62
CA TYR A 77 -1.66 9.17 -17.22
C TYR A 77 -1.71 7.94 -18.12
N TRP A 78 -2.83 7.23 -18.08
CA TRP A 78 -3.09 6.12 -18.99
C TRP A 78 -4.60 5.96 -19.07
N ASN A 79 -5.10 5.55 -20.24
CA ASN A 79 -6.52 5.52 -20.51
C ASN A 79 -7.00 4.09 -20.72
N THR A 80 -8.08 3.73 -20.02
CA THR A 80 -8.60 2.37 -20.08
C THR A 80 -8.98 1.98 -21.51
N LEU A 81 -9.60 2.90 -22.24
CA LEU A 81 -10.21 2.59 -23.52
C LEU A 81 -9.49 3.20 -24.71
N ILE A 82 -8.86 4.37 -24.55
CA ILE A 82 -8.42 5.19 -25.66
C ILE A 82 -6.90 5.10 -25.78
N ALA A 83 -6.43 4.73 -26.96
CA ALA A 83 -4.99 4.68 -27.24
C ALA A 83 -4.53 6.04 -27.76
N TRP A 84 -4.59 7.03 -26.87
CA TRP A 84 -4.17 8.37 -27.23
C TRP A 84 -2.78 8.29 -27.88
N PRO A 85 -2.61 8.74 -29.15
CA PRO A 85 -1.37 8.52 -29.90
C PRO A 85 -0.29 9.54 -29.61
N PHE A 86 -0.05 9.80 -28.33
CA PHE A 86 0.95 10.77 -27.90
C PHE A 86 2.24 10.05 -27.48
N THR A 87 2.15 9.14 -26.53
CA THR A 87 3.32 8.36 -26.14
C THR A 87 3.71 7.41 -27.26
N SER A 88 4.97 7.00 -27.25
CA SER A 88 5.44 6.06 -28.27
C SER A 88 4.70 4.72 -28.19
N TYR A 89 4.16 4.38 -27.02
CA TYR A 89 3.51 3.09 -26.84
C TYR A 89 2.26 2.95 -27.71
N ASN A 90 1.56 4.06 -27.94
CA ASN A 90 0.29 4.04 -28.66
C ASN A 90 0.44 4.51 -30.11
N SER A 91 1.65 4.77 -30.57
CA SER A 91 1.85 5.21 -31.95
C SER A 91 1.40 4.11 -32.91
N ASP A 92 0.56 4.49 -33.88
CA ASP A 92 0.13 3.57 -34.92
C ASP A 92 -0.39 2.27 -34.34
N PHE A 93 -1.25 2.38 -33.32
CA PHE A 93 -1.63 1.22 -32.53
C PHE A 93 -2.35 0.17 -33.38
N ALA A 94 -3.38 0.57 -34.11
CA ALA A 94 -4.16 -0.40 -34.86
C ALA A 94 -3.33 -1.03 -35.98
N GLU A 95 -2.35 -0.29 -36.52
CA GLU A 95 -1.57 -0.78 -37.64
C GLU A 95 -0.50 -1.77 -37.24
N THR A 96 0.03 -1.66 -36.01
CA THR A 96 1.16 -2.46 -35.57
C THR A 96 0.76 -3.60 -34.64
N HIS A 97 -0.53 -3.90 -34.52
CA HIS A 97 -1.00 -5.01 -33.71
C HIS A 97 -2.06 -5.78 -34.47
N PRO A 98 -2.38 -7.01 -34.03
CA PRO A 98 -3.38 -7.81 -34.73
C PRO A 98 -4.72 -7.10 -34.89
N GLU A 99 -5.50 -7.52 -35.90
CA GLU A 99 -6.77 -6.84 -36.16
C GLU A 99 -7.67 -6.84 -34.94
N ASN A 100 -7.65 -7.93 -34.16
CA ASN A 100 -8.55 -8.05 -33.03
C ASN A 100 -8.04 -7.37 -31.76
N TRP A 101 -6.95 -6.59 -31.84
CA TRP A 101 -6.53 -5.78 -30.71
C TRP A 101 -7.24 -4.43 -30.66
N THR A 102 -7.96 -4.06 -31.72
CA THR A 102 -8.59 -2.76 -31.84
C THR A 102 -10.10 -2.89 -31.83
N LEU A 103 -10.78 -1.93 -31.19
CA LEU A 103 -12.23 -1.87 -31.25
C LEU A 103 -12.67 -1.49 -32.65
N ARG A 104 -13.56 -2.30 -33.23
CA ARG A 104 -13.93 -2.16 -34.62
C ARG A 104 -15.44 -2.30 -34.77
N ASP A 105 -15.99 -1.59 -35.75
CA ASP A 105 -17.38 -1.77 -36.13
C ASP A 105 -17.63 -3.23 -36.49
N ARG A 106 -18.66 -3.82 -35.88
CA ARG A 106 -18.90 -5.25 -36.08
C ARG A 106 -19.40 -5.58 -37.48
N SER A 107 -19.97 -4.61 -38.20
CA SER A 107 -20.49 -4.86 -39.53
C SER A 107 -19.45 -4.62 -40.63
N THR A 108 -18.60 -3.59 -40.48
CA THR A 108 -17.65 -3.23 -41.51
C THR A 108 -16.21 -3.62 -41.19
N GLY A 109 -15.87 -3.80 -39.92
CA GLY A 109 -14.50 -4.08 -39.53
C GLY A 109 -13.62 -2.87 -39.45
N GLU A 110 -14.14 -1.67 -39.69
CA GLU A 110 -13.33 -0.46 -39.64
C GLU A 110 -13.22 0.03 -38.20
N PRO A 111 -12.08 0.58 -37.80
CA PRO A 111 -11.91 0.98 -36.40
C PRO A 111 -12.96 2.00 -35.96
N LEU A 112 -13.41 1.85 -34.72
CA LEU A 112 -14.26 2.84 -34.08
C LEU A 112 -13.35 3.79 -33.30
N LEU A 113 -13.24 5.03 -33.77
CA LEU A 113 -12.26 5.96 -33.22
C LEU A 113 -12.87 6.82 -32.13
N LYS A 114 -12.01 7.19 -31.17
CA LYS A 114 -12.35 8.26 -30.22
C LYS A 114 -12.33 9.61 -30.91
N ALA A 115 -11.35 9.84 -31.78
CA ALA A 115 -11.18 11.12 -32.45
C ALA A 115 -10.09 11.00 -33.49
N MET A 116 -9.91 12.06 -34.26
CA MET A 116 -8.74 12.30 -35.09
C MET A 116 -7.94 13.43 -34.46
N HIS A 117 -6.65 13.18 -34.22
CA HIS A 117 -5.74 14.22 -33.76
C HIS A 117 -4.98 14.71 -35.00
N GLY A 118 -5.41 15.82 -35.56
CA GLY A 118 -4.92 16.22 -36.87
C GLY A 118 -5.31 15.18 -37.89
N SER A 119 -4.30 14.60 -38.55
CA SER A 119 -4.50 13.51 -39.48
C SER A 119 -4.19 12.15 -38.85
N THR A 120 -4.02 12.11 -37.54
CA THR A 120 -3.66 10.88 -36.83
C THR A 120 -4.89 10.30 -36.16
N PRO A 121 -5.31 9.08 -36.47
CA PRO A 121 -6.48 8.52 -35.80
C PRO A 121 -6.17 8.12 -34.37
N VAL A 122 -7.15 8.29 -33.50
CA VAL A 122 -7.06 7.89 -32.10
C VAL A 122 -7.87 6.61 -31.95
N TYR A 123 -7.18 5.48 -31.89
CA TYR A 123 -7.84 4.19 -31.82
C TYR A 123 -8.25 3.87 -30.38
N GLN A 124 -9.09 2.85 -30.24
CA GLN A 124 -9.57 2.40 -28.94
C GLN A 124 -9.30 0.91 -28.81
N TYR A 125 -8.93 0.49 -27.59
CA TYR A 125 -8.51 -0.87 -27.34
C TYR A 125 -9.68 -1.84 -27.37
N ASN A 126 -9.44 -3.05 -27.86
CA ASN A 126 -10.39 -4.15 -27.73
C ASN A 126 -10.22 -4.77 -26.34
N LEU A 127 -10.96 -4.22 -25.38
CA LEU A 127 -10.82 -4.63 -23.99
C LEU A 127 -11.29 -6.05 -23.74
N LEU A 128 -12.03 -6.64 -24.68
CA LEU A 128 -12.51 -8.00 -24.54
C LEU A 128 -11.48 -9.03 -25.01
N ASN A 129 -10.35 -8.58 -25.54
CA ASN A 129 -9.26 -9.46 -25.95
C ASN A 129 -8.26 -9.58 -24.81
N PRO A 130 -8.04 -10.77 -24.26
CA PRO A 130 -7.10 -10.88 -23.12
C PRO A 130 -5.68 -10.51 -23.47
N ASP A 131 -5.24 -10.70 -24.72
CA ASP A 131 -3.91 -10.26 -25.10
C ASP A 131 -3.78 -8.75 -25.03
N VAL A 132 -4.86 -8.02 -25.33
CA VAL A 132 -4.84 -6.56 -25.21
C VAL A 132 -4.71 -6.15 -23.75
N ARG A 133 -5.47 -6.81 -22.87
CA ARG A 133 -5.45 -6.45 -21.46
C ARG A 133 -4.06 -6.67 -20.87
N LYS A 134 -3.41 -7.77 -21.25
CA LYS A 134 -2.05 -8.03 -20.77
C LYS A 134 -1.10 -6.95 -21.27
N TRP A 135 -1.16 -6.66 -22.57
CA TRP A 135 -0.30 -5.63 -23.14
C TRP A 135 -0.51 -4.29 -22.44
N TRP A 136 -1.78 -3.95 -22.17
CA TRP A 136 -2.10 -2.67 -21.53
C TRP A 136 -1.42 -2.58 -20.16
N ALA A 137 -1.59 -3.60 -19.33
CA ALA A 137 -0.97 -3.59 -18.01
C ALA A 137 0.55 -3.67 -18.10
N ASP A 138 1.08 -4.50 -19.00
CA ASP A 138 2.53 -4.59 -19.15
C ASP A 138 3.12 -3.25 -19.55
N THR A 139 2.43 -2.55 -20.46
CA THR A 139 2.96 -1.30 -21.02
C THR A 139 3.01 -0.21 -19.95
N ILE A 140 1.87 0.08 -19.32
CA ILE A 140 1.85 1.17 -18.35
C ILE A 140 2.62 0.78 -17.10
N GLY A 141 2.48 -0.46 -16.65
CA GLY A 141 3.25 -0.91 -15.50
C GLY A 141 4.75 -0.83 -15.76
N GLY A 142 5.18 -1.27 -16.94
CA GLY A 142 6.59 -1.13 -17.28
C GLY A 142 7.04 0.32 -17.29
N ALA A 143 6.24 1.20 -17.87
CA ALA A 143 6.59 2.61 -17.94
C ALA A 143 6.68 3.22 -16.54
N VAL A 144 5.72 2.88 -15.67
CA VAL A 144 5.74 3.40 -14.30
C VAL A 144 7.02 2.98 -13.61
N ASN A 145 7.40 1.70 -13.75
CA ASN A 145 8.61 1.22 -13.11
C ASN A 145 9.87 1.84 -13.73
N GLU A 146 9.91 1.91 -15.06
CA GLU A 146 11.09 2.43 -15.73
C GLU A 146 11.36 3.89 -15.36
N PHE A 147 10.32 4.71 -15.34
CA PHE A 147 10.46 6.13 -15.12
C PHE A 147 10.28 6.52 -13.66
N ASN A 148 10.00 5.54 -12.79
CA ASN A 148 9.87 5.76 -11.36
C ASN A 148 8.74 6.76 -11.06
N PHE A 149 7.64 6.65 -11.79
CA PHE A 149 6.42 7.29 -11.36
C PHE A 149 5.92 6.62 -10.08
N ASP A 150 4.99 7.28 -9.40
CA ASP A 150 4.45 6.79 -8.15
C ASP A 150 3.11 6.09 -8.33
N GLY A 151 2.67 5.91 -9.56
CA GLY A 151 1.38 5.28 -9.80
C GLY A 151 0.83 5.67 -11.15
N VAL A 152 -0.44 5.30 -11.34
CA VAL A 152 -1.15 5.45 -12.60
C VAL A 152 -2.47 6.15 -12.34
N PHE A 153 -2.80 7.12 -13.21
CA PHE A 153 -4.14 7.69 -13.28
C PHE A 153 -4.84 6.97 -14.43
N MET A 154 -5.74 6.05 -14.06
CA MET A 154 -6.46 5.20 -14.99
C MET A 154 -7.73 5.92 -15.43
N ASP A 155 -7.70 6.56 -16.59
CA ASP A 155 -8.84 7.36 -17.03
C ASP A 155 -9.88 6.48 -17.75
N ALA A 156 -11.12 6.98 -17.76
CA ALA A 156 -12.18 6.46 -18.62
C ALA A 156 -12.48 4.98 -18.37
N VAL A 157 -12.63 4.63 -17.10
CA VAL A 157 -12.83 3.23 -16.72
CA VAL A 157 -12.83 3.22 -16.73
C VAL A 157 -14.14 2.68 -17.27
N SER A 158 -15.16 3.52 -17.41
CA SER A 158 -16.48 3.08 -17.82
C SER A 158 -16.90 3.57 -19.20
N GLN A 159 -16.04 4.31 -19.90
CA GLN A 159 -16.45 4.89 -21.17
C GLN A 159 -16.63 3.84 -22.26
N SER A 160 -16.12 2.63 -22.07
CA SER A 160 -16.34 1.56 -23.04
C SER A 160 -17.81 1.19 -23.16
N LYS A 161 -18.61 1.54 -22.16
CA LYS A 161 -20.02 1.16 -22.11
C LYS A 161 -20.93 2.22 -22.71
N ARG A 162 -20.37 3.22 -23.36
CA ARG A 162 -21.18 4.18 -24.10
C ARG A 162 -22.12 3.41 -25.04
N PRO A 163 -23.40 3.77 -25.10
CA PRO A 163 -24.32 2.99 -25.94
C PRO A 163 -23.82 2.76 -27.35
N LEU A 164 -23.22 3.77 -27.97
CA LEU A 164 -22.83 3.63 -29.37
C LEU A 164 -21.80 2.53 -29.56
N TRP A 165 -20.86 2.38 -28.62
CA TRP A 165 -19.88 1.31 -28.78
C TRP A 165 -20.49 -0.06 -28.55
N LEU A 166 -21.48 -0.16 -27.66
CA LEU A 166 -22.15 -1.44 -27.44
C LEU A 166 -22.95 -1.86 -28.67
N GLN A 167 -23.65 -0.91 -29.29
CA GLN A 167 -24.43 -1.22 -30.48
C GLN A 167 -23.53 -1.54 -31.67
N LYS A 168 -22.52 -0.71 -31.91
CA LYS A 168 -21.72 -0.83 -33.12
C LYS A 168 -20.50 -1.72 -32.97
N GLY A 169 -19.94 -1.83 -31.76
CA GLY A 169 -18.69 -2.53 -31.58
C GLY A 169 -18.75 -3.79 -30.73
N TRP A 170 -19.01 -3.62 -29.43
CA TRP A 170 -18.87 -4.75 -28.51
C TRP A 170 -19.97 -5.79 -28.73
N GLY A 171 -21.19 -5.34 -28.93
CA GLY A 171 -22.37 -6.18 -28.76
C GLY A 171 -23.13 -5.70 -27.55
N LEU A 172 -24.46 -5.68 -27.67
CA LEU A 172 -25.31 -5.07 -26.65
C LEU A 172 -25.25 -5.79 -25.31
N ASP A 173 -24.67 -6.99 -25.26
CA ASP A 173 -24.70 -7.85 -24.08
C ASP A 173 -23.36 -7.89 -23.35
N LYS A 174 -22.48 -6.91 -23.57
CA LYS A 174 -21.11 -6.98 -23.09
C LYS A 174 -20.80 -6.05 -21.92
N ALA A 175 -21.77 -5.26 -21.45
CA ALA A 175 -21.47 -4.24 -20.46
C ALA A 175 -20.78 -4.83 -19.23
N ASP A 176 -21.30 -5.95 -18.72
CA ASP A 176 -20.70 -6.54 -17.53
C ASP A 176 -19.34 -7.17 -17.82
N GLU A 177 -19.17 -7.73 -19.01
CA GLU A 177 -17.86 -8.25 -19.38
C GLU A 177 -16.83 -7.13 -19.48
N LEU A 178 -17.27 -5.92 -19.87
CA LEU A 178 -16.37 -4.79 -19.95
C LEU A 178 -15.93 -4.33 -18.56
N ASP A 179 -16.84 -4.41 -17.58
CA ASP A 179 -16.44 -4.16 -16.20
C ASP A 179 -15.42 -5.19 -15.73
N ALA A 180 -15.67 -6.46 -16.02
CA ALA A 180 -14.70 -7.49 -15.65
C ALA A 180 -13.38 -7.27 -16.35
N ALA A 181 -13.40 -6.73 -17.57
CA ALA A 181 -12.16 -6.43 -18.27
C ALA A 181 -11.38 -5.34 -17.53
N ALA A 182 -12.06 -4.27 -17.13
CA ALA A 182 -11.39 -3.20 -16.40
C ALA A 182 -10.79 -3.74 -15.10
N VAL A 183 -11.53 -4.59 -14.39
CA VAL A 183 -11.02 -5.15 -13.15
C VAL A 183 -9.75 -5.97 -13.41
N ASP A 184 -9.78 -6.80 -14.46
CA ASP A 184 -8.60 -7.59 -14.79
C ASP A 184 -7.42 -6.71 -15.13
N MET A 185 -7.68 -5.58 -15.78
CA MET A 185 -6.63 -4.63 -16.12
C MET A 185 -6.02 -4.00 -14.88
N MET A 186 -6.84 -3.65 -13.89
CA MET A 186 -6.28 -3.07 -12.68
C MET A 186 -5.50 -4.11 -11.89
N ARG A 187 -6.02 -5.34 -11.81
CA ARG A 187 -5.33 -6.39 -11.06
C ARG A 187 -3.96 -6.68 -11.67
N GLN A 188 -3.89 -6.81 -13.00
CA GLN A 188 -2.61 -7.05 -13.65
C GLN A 188 -1.67 -5.84 -13.48
N THR A 189 -2.22 -4.63 -13.49
CA THR A 189 -1.37 -3.45 -13.35
C THR A 189 -0.83 -3.34 -11.93
N LYS A 190 -1.70 -3.54 -10.93
CA LYS A 190 -1.25 -3.51 -9.54
C LYS A 190 -0.17 -4.55 -9.30
N ALA A 191 -0.25 -5.70 -9.98
CA ALA A 191 0.78 -6.72 -9.83
C ALA A 191 2.14 -6.25 -10.34
N ILE A 192 2.17 -5.26 -11.22
CA ILE A 192 3.41 -4.75 -11.77
C ILE A 192 3.88 -3.48 -11.05
N ILE A 193 2.97 -2.54 -10.78
CA ILE A 193 3.41 -1.31 -10.13
C ILE A 193 3.48 -1.46 -8.62
N GLY A 194 2.77 -2.42 -8.05
CA GLY A 194 2.90 -2.75 -6.65
C GLY A 194 1.97 -1.97 -5.74
N ASN A 195 1.99 -2.38 -4.47
CA ASN A 195 1.20 -1.74 -3.43
C ASN A 195 1.94 -0.63 -2.71
N ASN A 196 3.18 -0.33 -3.12
CA ASN A 196 3.84 0.91 -2.74
C ASN A 196 3.59 2.02 -3.75
N ARG A 197 2.83 1.73 -4.81
CA ARG A 197 2.41 2.72 -5.78
C ARG A 197 0.88 2.74 -5.84
N LEU A 198 0.36 3.75 -6.53
CA LEU A 198 -1.06 4.07 -6.50
C LEU A 198 -1.71 3.81 -7.86
N LEU A 199 -2.91 3.25 -7.83
CA LEU A 199 -3.78 3.16 -9.00
C LEU A 199 -5.04 3.94 -8.67
N ILE A 200 -5.22 5.08 -9.32
CA ILE A 200 -6.39 5.92 -9.15
C ILE A 200 -7.17 5.85 -10.46
N TYR A 201 -8.46 5.56 -10.38
CA TYR A 201 -9.28 5.47 -11.58
C TYR A 201 -10.27 6.61 -11.65
N ASN A 202 -10.64 6.98 -12.87
CA ASN A 202 -11.68 7.98 -13.10
C ASN A 202 -12.89 7.24 -13.67
N GLY A 203 -13.96 7.12 -12.88
CA GLY A 203 -14.09 7.63 -11.53
C GLY A 203 -15.52 7.54 -11.05
N PHE A 204 -15.79 8.19 -9.91
CA PHE A 204 -17.16 8.28 -9.44
C PHE A 204 -17.98 9.14 -10.39
N ARG A 205 -19.19 8.70 -10.69
CA ARG A 205 -20.06 9.45 -11.60
C ARG A 205 -21.50 9.24 -11.15
N SER A 206 -22.09 10.25 -10.52
CA SER A 206 -23.47 10.17 -10.06
C SER A 206 -24.43 10.15 -11.24
N ALA A 216 -20.28 6.93 -15.72
CA ALA A 216 -21.35 6.04 -15.28
C ALA A 216 -20.80 4.93 -14.40
N ALA A 217 -20.07 5.30 -13.36
CA ALA A 217 -19.35 4.35 -12.52
C ALA A 217 -19.40 4.80 -11.07
N GLY A 218 -18.95 3.92 -10.19
CA GLY A 218 -19.03 4.15 -8.76
C GLY A 218 -17.90 3.47 -8.03
N THR A 219 -18.16 3.08 -6.78
CA THR A 219 -17.17 2.48 -5.91
C THR A 219 -16.83 1.05 -6.26
N GLU A 220 -17.50 0.45 -7.26
CA GLU A 220 -17.35 -0.98 -7.49
C GLU A 220 -15.93 -1.39 -7.85
N PHE A 221 -15.11 -0.45 -8.34
CA PHE A 221 -13.73 -0.74 -8.70
C PHE A 221 -12.75 -0.50 -7.55
N LEU A 222 -13.20 0.08 -6.44
CA LEU A 222 -12.28 0.38 -5.35
C LEU A 222 -11.57 -0.83 -4.78
N PRO A 223 -12.17 -2.03 -4.73
CA PRO A 223 -11.42 -3.18 -4.19
C PRO A 223 -10.17 -3.52 -4.97
N TYR A 224 -10.03 -3.03 -6.19
CA TYR A 224 -8.91 -3.38 -7.06
C TYR A 224 -7.97 -2.21 -7.30
N SER A 225 -8.19 -1.11 -6.59
CA SER A 225 -7.49 0.15 -6.85
C SER A 225 -7.23 0.84 -5.51
N ASP A 226 -6.60 2.00 -5.57
CA ASP A 226 -6.27 2.77 -4.38
C ASP A 226 -7.15 3.99 -4.17
N GLY A 227 -7.95 4.36 -5.16
CA GLY A 227 -8.82 5.51 -5.02
C GLY A 227 -9.42 5.88 -6.36
N ALA A 228 -10.18 6.98 -6.34
CA ALA A 228 -10.94 7.37 -7.51
C ALA A 228 -11.04 8.89 -7.56
N GLN A 229 -11.37 9.39 -8.75
CA GLN A 229 -11.59 10.81 -8.99
C GLN A 229 -13.08 11.09 -9.13
N ILE A 230 -13.50 12.24 -8.62
CA ILE A 230 -14.81 12.83 -8.92
C ILE A 230 -14.53 13.96 -9.90
N GLU A 231 -14.65 13.68 -11.20
CA GLU A 231 -14.29 14.69 -12.20
C GLU A 231 -15.34 15.77 -12.32
N HIS A 232 -16.62 15.41 -12.19
CA HIS A 232 -17.72 16.36 -12.35
C HIS A 232 -18.30 16.76 -11.00
N PHE A 233 -17.43 17.19 -10.10
CA PHE A 233 -17.85 17.69 -8.79
C PHE A 233 -18.57 19.03 -9.01
N ASP A 234 -19.90 18.98 -9.03
CA ASP A 234 -20.72 20.17 -9.28
C ASP A 234 -20.44 20.74 -10.67
N GLN A 235 -20.53 19.87 -11.69
CA GLN A 235 -20.20 20.27 -13.05
C GLN A 235 -20.80 19.28 -14.03
N LEU A 236 -21.11 19.77 -15.22
CA LEU A 236 -21.55 18.94 -16.35
C LEU A 236 -22.74 18.04 -15.99
N SER A 237 -22.52 16.74 -15.89
CA SER A 237 -23.62 15.80 -15.69
C SER A 237 -24.13 15.75 -14.26
N SER A 238 -23.42 16.38 -13.31
CA SER A 238 -23.74 16.26 -11.88
C SER A 238 -23.62 17.65 -11.26
N ILE A 239 -24.73 18.40 -11.26
CA ILE A 239 -24.70 19.81 -10.88
C ILE A 239 -25.77 20.15 -9.85
N THR A 240 -26.45 19.14 -9.32
CA THR A 240 -27.54 19.38 -8.37
C THR A 240 -27.10 19.08 -6.94
N LYS A 241 -27.91 19.57 -6.00
CA LYS A 241 -27.66 19.29 -4.60
C LYS A 241 -27.75 17.80 -4.30
N GLU A 242 -28.62 17.07 -5.02
CA GLU A 242 -28.72 15.64 -4.82
C GLU A 242 -27.46 14.93 -5.29
N ASP A 243 -26.85 15.41 -6.38
CA ASP A 243 -25.60 14.83 -6.84
C ASP A 243 -24.48 15.06 -5.84
N MET A 244 -24.46 16.24 -5.21
CA MET A 244 -23.43 16.54 -4.22
C MET A 244 -23.51 15.57 -3.05
N VAL A 245 -24.72 15.37 -2.51
CA VAL A 245 -24.88 14.46 -1.38
C VAL A 245 -24.45 13.05 -1.77
N ALA A 246 -24.79 12.63 -2.99
CA ALA A 246 -24.38 11.30 -3.45
C ALA A 246 -22.86 11.17 -3.46
N TYR A 247 -22.16 12.19 -3.96
CA TYR A 247 -20.70 12.13 -4.00
C TYR A 247 -20.11 12.06 -2.60
N TRP A 248 -20.64 12.84 -1.66
CA TRP A 248 -20.16 12.76 -0.28
C TRP A 248 -20.36 11.36 0.28
N LYS A 249 -21.47 10.71 -0.08
CA LYS A 249 -21.73 9.36 0.37
C LYS A 249 -20.72 8.37 -0.20
N MET A 250 -20.46 8.47 -1.50
CA MET A 250 -19.43 7.61 -2.10
C MET A 250 -18.08 7.84 -1.46
N ALA A 251 -17.74 9.11 -1.19
CA ALA A 251 -16.44 9.44 -0.62
C ALA A 251 -16.31 8.89 0.80
N ALA A 252 -17.38 8.97 1.60
CA ALA A 252 -17.35 8.42 2.94
C ALA A 252 -17.22 6.90 2.90
N THR A 253 -17.88 6.25 1.94
CA THR A 253 -17.71 4.82 1.76
C THR A 253 -16.26 4.49 1.41
N ALA A 254 -15.68 5.24 0.48
CA ALA A 254 -14.29 5.01 0.12
C ALA A 254 -13.37 5.17 1.31
N ALA A 255 -13.64 6.19 2.14
CA ALA A 255 -12.77 6.46 3.29
C ALA A 255 -12.78 5.31 4.29
N LYS A 256 -13.91 4.61 4.40
CA LYS A 256 -13.96 3.46 5.30
C LYS A 256 -12.98 2.37 4.88
N ASP A 257 -12.69 2.28 3.58
CA ASP A 257 -11.73 1.32 3.05
C ASP A 257 -10.33 1.90 2.91
N ASN A 258 -10.08 3.08 3.47
CA ASN A 258 -8.76 3.72 3.42
C ASN A 258 -8.36 4.10 1.99
N LYS A 259 -9.34 4.45 1.16
CA LYS A 259 -9.11 4.78 -0.22
C LYS A 259 -9.00 6.29 -0.41
N ILE A 260 -8.33 6.67 -1.50
CA ILE A 260 -8.14 8.07 -1.89
C ILE A 260 -9.34 8.53 -2.71
N VAL A 261 -9.74 9.78 -2.51
CA VAL A 261 -10.78 10.41 -3.33
C VAL A 261 -10.27 11.76 -3.77
N LEU A 262 -10.23 11.99 -5.08
CA LEU A 262 -9.79 13.26 -5.66
C LEU A 262 -11.01 14.03 -6.15
N TYR A 263 -11.21 15.23 -5.63
CA TYR A 263 -12.29 16.10 -6.04
C TYR A 263 -11.76 17.08 -7.08
N LYS A 264 -12.28 16.99 -8.30
CA LYS A 264 -11.99 18.00 -9.32
C LYS A 264 -13.12 19.02 -9.27
N ALA A 265 -12.82 20.17 -8.67
CA ALA A 265 -13.78 21.25 -8.51
C ALA A 265 -13.61 22.30 -9.60
N TRP A 266 -14.63 23.13 -9.76
CA TRP A 266 -14.70 24.13 -10.81
C TRP A 266 -15.23 25.44 -10.23
N PRO A 267 -14.85 26.58 -10.82
CA PRO A 267 -15.30 27.86 -10.25
C PRO A 267 -16.81 27.97 -10.16
N ASP A 268 -17.53 27.59 -11.20
CA ASP A 268 -18.99 27.57 -11.18
C ASP A 268 -19.45 26.71 -12.35
N HIS A 269 -20.76 26.48 -12.42
CA HIS A 269 -21.32 25.72 -13.52
C HIS A 269 -20.89 26.33 -14.85
N ASP A 270 -20.50 25.47 -15.79
CA ASP A 270 -20.11 25.84 -17.14
C ASP A 270 -18.80 26.61 -17.22
N ILE A 271 -18.09 26.75 -16.10
CA ILE A 271 -16.80 27.47 -16.09
C ILE A 271 -15.73 26.42 -16.25
N ASN A 272 -15.37 26.12 -17.50
CA ASN A 272 -14.43 25.06 -17.82
C ASN A 272 -13.80 25.35 -19.17
N TRP A 273 -12.85 24.50 -19.56
CA TRP A 273 -12.05 24.78 -20.75
C TRP A 273 -12.85 24.68 -22.04
N LEU A 274 -14.07 24.16 -21.99
CA LEU A 274 -14.93 24.08 -23.17
C LEU A 274 -15.80 25.31 -23.36
N ASN A 275 -15.92 26.16 -22.34
CA ASN A 275 -16.71 27.39 -22.44
C ASN A 275 -15.87 28.44 -23.16
N ARG A 276 -16.25 28.77 -24.39
CA ARG A 276 -15.44 29.67 -25.20
C ARG A 276 -15.49 31.10 -24.68
N LYS A 277 -16.68 31.55 -24.26
CA LYS A 277 -16.80 32.92 -23.74
C LYS A 277 -15.85 33.14 -22.57
N PHE A 278 -15.82 32.20 -21.63
CA PHE A 278 -14.90 32.32 -20.49
C PHE A 278 -13.45 32.25 -20.95
N MET A 279 -13.12 31.23 -21.75
CA MET A 279 -11.73 30.99 -22.12
C MET A 279 -11.15 32.13 -22.95
N SER A 280 -11.99 33.01 -23.50
CA SER A 280 -11.49 34.11 -24.31
C SER A 280 -11.09 35.33 -23.49
N GLN A 281 -11.51 35.40 -22.23
CA GLN A 281 -11.14 36.52 -21.38
C GLN A 281 -9.64 36.50 -21.10
N SER A 282 -9.13 37.61 -20.61
CA SER A 282 -7.71 37.71 -20.32
C SER A 282 -7.33 36.75 -19.19
N PRO A 283 -6.11 36.19 -19.24
CA PRO A 283 -5.66 35.37 -18.11
C PRO A 283 -5.87 36.04 -16.77
N ALA A 284 -5.65 37.36 -16.73
CA ALA A 284 -5.88 38.11 -15.50
C ALA A 284 -7.34 38.03 -15.08
N LYS A 285 -8.26 38.13 -16.04
CA LYS A 285 -9.69 38.08 -15.71
C LYS A 285 -10.10 36.68 -15.27
N LYS A 286 -9.63 35.65 -15.96
CA LYS A 286 -9.97 34.28 -15.59
C LYS A 286 -9.52 33.99 -14.16
N GLU A 287 -8.28 34.34 -13.83
CA GLU A 287 -7.76 34.06 -12.49
C GLU A 287 -8.56 34.81 -11.43
N ALA A 288 -8.87 36.09 -11.67
CA ALA A 288 -9.64 36.87 -10.71
C ALA A 288 -10.99 36.22 -10.45
N PHE A 289 -11.65 35.75 -11.52
CA PHE A 289 -12.92 35.06 -11.37
C PHE A 289 -12.74 33.80 -10.54
N ALA A 290 -11.75 32.96 -10.89
CA ALA A 290 -11.55 31.72 -10.16
C ALA A 290 -11.19 31.98 -8.70
N ARG A 291 -10.37 32.99 -8.44
CA ARG A 291 -10.02 33.33 -7.07
C ARG A 291 -11.28 33.62 -6.24
N GLU A 292 -12.21 34.38 -6.80
CA GLU A 292 -13.38 34.80 -6.05
C GLU A 292 -14.41 33.68 -5.90
N LYS A 293 -14.39 32.69 -6.80
CA LYS A 293 -15.39 31.64 -6.79
C LYS A 293 -14.93 30.35 -6.14
N ILE A 294 -13.75 30.32 -5.54
CA ILE A 294 -13.27 29.08 -4.94
C ILE A 294 -14.01 28.74 -3.66
N THR A 295 -14.65 29.71 -3.02
CA THR A 295 -15.20 29.50 -1.69
C THR A 295 -16.28 28.41 -1.71
N TYR A 296 -17.20 28.47 -2.68
CA TYR A 296 -18.29 27.49 -2.68
C TYR A 296 -17.78 26.09 -2.98
N PRO A 297 -17.04 25.82 -4.06
CA PRO A 297 -16.55 24.46 -4.28
C PRO A 297 -15.61 23.98 -3.19
N LEU A 298 -14.78 24.87 -2.66
CA LEU A 298 -13.90 24.47 -1.56
C LEU A 298 -14.71 24.10 -0.32
N ALA A 299 -15.73 24.91 0.02
CA ALA A 299 -16.56 24.58 1.17
C ALA A 299 -17.24 23.23 0.97
N CYS A 300 -17.74 22.97 -0.25
CA CYS A 300 -18.38 21.68 -0.52
C CYS A 300 -17.41 20.53 -0.31
N TYR A 301 -16.18 20.67 -0.79
CA TYR A 301 -15.17 19.65 -0.54
C TYR A 301 -14.94 19.46 0.96
N LEU A 302 -14.84 20.55 1.71
CA LEU A 302 -14.56 20.43 3.14
C LEU A 302 -15.70 19.75 3.89
N ILE A 303 -16.94 19.93 3.45
CA ILE A 303 -18.07 19.27 4.12
C ILE A 303 -17.88 17.76 4.13
N GLY A 304 -17.38 17.20 3.03
CA GLY A 304 -17.29 15.75 2.90
C GLY A 304 -15.90 15.18 2.98
N ALA A 305 -14.90 16.04 3.15
CA ALA A 305 -13.51 15.61 3.11
C ALA A 305 -13.21 14.61 4.22
N GLU A 306 -12.49 13.55 3.86
CA GLU A 306 -11.99 12.55 4.79
C GLU A 306 -10.49 12.42 4.60
N GLU A 307 -9.86 11.63 5.47
CA GLU A 307 -8.44 11.38 5.32
C GLU A 307 -8.17 10.84 3.91
N ASN A 308 -7.07 11.30 3.32
CA ASN A 308 -6.62 10.86 2.00
C ASN A 308 -7.52 11.37 0.87
N SER A 309 -8.30 12.41 1.12
CA SER A 309 -9.06 13.09 0.07
C SER A 309 -8.34 14.39 -0.29
N TYR A 310 -8.44 14.77 -1.56
CA TYR A 310 -7.70 15.91 -2.09
C TYR A 310 -8.59 16.78 -2.95
N PHE A 311 -8.21 18.06 -3.02
CA PHE A 311 -8.96 19.10 -3.71
C PHE A 311 -8.15 19.59 -4.91
N CYS A 312 -8.78 19.58 -6.08
CA CYS A 312 -8.18 20.07 -7.32
C CYS A 312 -9.08 21.16 -7.89
N TYR A 313 -8.51 22.32 -8.18
CA TYR A 313 -9.30 23.48 -8.55
C TYR A 313 -8.70 24.20 -9.75
N GLY A 314 -9.55 24.44 -10.73
CA GLY A 314 -9.15 25.13 -11.95
C GLY A 314 -10.30 25.06 -12.92
N TRP A 315 -10.11 25.68 -14.08
CA TRP A 315 -11.11 25.64 -15.14
C TRP A 315 -10.70 24.73 -16.28
N GLY A 316 -9.59 24.02 -16.16
CA GLY A 316 -9.16 23.14 -17.22
C GLY A 316 -7.94 22.36 -16.78
N TYR A 317 -7.39 21.59 -17.71
CA TYR A 317 -6.26 20.72 -17.42
C TYR A 317 -4.97 21.17 -18.07
N GLY A 318 -4.97 22.28 -18.78
CA GLY A 318 -3.72 22.89 -19.20
C GLY A 318 -3.00 23.54 -18.04
N ILE A 319 -1.68 23.63 -18.16
CA ILE A 319 -0.87 24.15 -17.06
C ILE A 319 -1.23 25.60 -16.73
N ASP A 320 -1.85 26.32 -17.66
CA ASP A 320 -2.24 27.71 -17.43
C ASP A 320 -3.73 27.85 -17.10
N ASP A 321 -4.42 26.74 -16.82
CA ASP A 321 -5.86 26.76 -16.63
C ASP A 321 -6.27 26.84 -15.16
N GLY A 322 -5.46 27.48 -14.33
CA GLY A 322 -5.85 27.88 -13.00
C GLY A 322 -5.34 27.03 -11.86
N GLN A 323 -4.67 25.92 -12.15
CA GLN A 323 -4.23 25.02 -11.09
C GLN A 323 -2.92 25.43 -10.43
N LEU A 324 -2.10 26.22 -11.13
CA LEU A 324 -0.86 26.72 -10.56
C LEU A 324 -1.02 28.11 -9.94
N VAL A 325 -2.26 28.49 -9.63
CA VAL A 325 -2.54 29.76 -8.95
C VAL A 325 -2.36 29.58 -7.46
N ASP A 326 -1.79 30.58 -6.80
CA ASP A 326 -1.60 30.55 -5.35
C ASP A 326 -2.87 31.10 -4.70
N TYR A 327 -3.81 30.20 -4.41
CA TYR A 327 -5.03 30.62 -3.73
C TYR A 327 -4.76 30.76 -2.24
N PRO A 328 -5.12 31.89 -1.63
CA PRO A 328 -4.81 32.07 -0.20
C PRO A 328 -5.45 31.02 0.69
N GLU A 329 -6.60 30.47 0.28
CA GLU A 329 -7.27 29.45 1.07
C GLU A 329 -6.39 28.23 1.31
N TYR A 330 -5.37 28.01 0.48
CA TYR A 330 -4.52 26.84 0.63
C TYR A 330 -3.46 26.99 1.71
N ARG A 331 -3.23 28.20 2.22
CA ARG A 331 -2.23 28.41 3.26
C ARG A 331 -2.83 28.76 4.62
N LYS A 332 -4.14 28.92 4.73
CA LYS A 332 -4.70 29.20 6.05
C LYS A 332 -4.75 27.92 6.87
N PRO A 333 -4.55 28.02 8.19
CA PRO A 333 -4.66 26.81 9.03
C PRO A 333 -6.06 26.22 8.93
N LEU A 334 -6.10 24.91 8.70
CA LEU A 334 -7.36 24.17 8.66
C LEU A 334 -7.52 23.30 9.91
N GLY A 335 -6.67 22.31 10.08
CA GLY A 335 -6.74 21.42 11.22
C GLY A 335 -7.69 20.27 10.99
N ALA A 336 -7.59 19.25 11.84
CA ALA A 336 -8.39 18.06 11.69
C ALA A 336 -9.86 18.38 11.95
N PRO A 337 -10.77 17.68 11.27
CA PRO A 337 -12.20 17.91 11.53
C PRO A 337 -12.59 17.42 12.91
N LYS A 338 -13.53 18.15 13.52
CA LYS A 338 -13.99 17.81 14.87
C LYS A 338 -15.07 16.74 14.85
N SER A 339 -15.78 16.60 13.74
CA SER A 339 -16.79 15.56 13.55
C SER A 339 -17.18 15.56 12.08
N ARG A 340 -17.94 14.55 11.70
CA ARG A 340 -18.52 14.54 10.36
C ARG A 340 -19.51 15.70 10.22
N ALA A 341 -19.82 16.05 8.97
CA ALA A 341 -20.71 17.17 8.72
C ALA A 341 -22.12 16.87 9.25
N ARG A 342 -22.78 17.93 9.72
CA ARG A 342 -24.17 17.86 10.15
C ARG A 342 -25.05 18.60 9.16
N ARG A 343 -26.32 18.19 9.10
CA ARG A 343 -27.25 18.65 8.08
C ARG A 343 -28.51 19.21 8.72
N THR A 344 -28.94 20.37 8.25
CA THR A 344 -30.22 20.96 8.61
C THR A 344 -30.89 21.41 7.31
N GLY A 345 -31.86 20.64 6.84
CA GLY A 345 -32.43 20.91 5.54
C GLY A 345 -31.38 20.66 4.47
N TRP A 346 -31.13 21.67 3.64
CA TRP A 346 -30.07 21.62 2.63
C TRP A 346 -28.87 22.46 3.01
N ILE A 347 -28.72 22.77 4.30
CA ILE A 347 -27.57 23.49 4.83
C ILE A 347 -26.70 22.49 5.57
N PHE A 348 -25.46 22.34 5.13
CA PHE A 348 -24.50 21.45 5.74
C PHE A 348 -23.45 22.28 6.48
N ARG A 349 -22.99 21.78 7.62
CA ARG A 349 -22.01 22.47 8.44
C ARG A 349 -21.00 21.47 8.98
N ARG A 350 -19.77 21.93 9.16
CA ARG A 350 -18.72 21.09 9.74
C ARG A 350 -17.70 21.96 10.44
N GLU A 351 -17.16 21.45 11.55
CA GLU A 351 -16.16 22.15 12.35
C GLU A 351 -14.80 21.48 12.18
N PHE A 352 -13.79 22.30 11.92
CA PHE A 352 -12.39 21.90 11.96
C PHE A 352 -11.70 22.64 13.10
N GLU A 353 -10.50 22.16 13.47
CA GLU A 353 -9.78 22.79 14.57
C GLU A 353 -9.67 24.30 14.38
N HIS A 354 -9.49 24.76 13.15
CA HIS A 354 -9.23 26.18 12.88
C HIS A 354 -10.22 26.79 11.90
N ALA A 355 -11.34 26.14 11.63
CA ALA A 355 -12.29 26.69 10.66
C ALA A 355 -13.67 26.09 10.87
N ASN A 356 -14.69 26.91 10.60
CA ASN A 356 -16.07 26.47 10.49
C ASN A 356 -16.53 26.62 9.05
N VAL A 357 -17.23 25.61 8.54
CA VAL A 357 -17.67 25.56 7.16
C VAL A 357 -19.18 25.42 7.12
N ALA A 358 -19.81 26.14 6.19
CA ALA A 358 -21.25 26.03 5.98
C ALA A 358 -21.54 26.19 4.50
N VAL A 359 -22.40 25.33 3.96
CA VAL A 359 -22.83 25.42 2.58
C VAL A 359 -24.35 25.26 2.52
N ASP A 360 -25.00 26.13 1.77
CA ASP A 360 -26.42 26.03 1.48
C ASP A 360 -26.54 25.52 0.04
N LEU A 361 -26.89 24.24 -0.11
CA LEU A 361 -26.87 23.63 -1.44
C LEU A 361 -28.06 24.08 -2.28
N GLU A 362 -29.17 24.44 -1.65
CA GLU A 362 -30.34 24.87 -2.40
C GLU A 362 -30.10 26.22 -3.06
N ASN A 363 -29.46 27.14 -2.34
CA ASN A 363 -29.19 28.49 -2.84
C ASN A 363 -27.79 28.66 -3.38
N ARG A 364 -26.93 27.65 -3.24
CA ARG A 364 -25.56 27.70 -3.74
C ARG A 364 -24.76 28.83 -3.09
N LYS A 365 -24.90 28.94 -1.77
CA LYS A 365 -24.15 29.89 -0.95
C LYS A 365 -23.28 29.13 0.03
N ALA A 366 -22.12 29.69 0.35
CA ALA A 366 -21.21 29.03 1.27
C ALA A 366 -20.43 30.06 2.07
N ARG A 367 -19.96 29.66 3.24
CA ARG A 367 -19.14 30.49 4.10
C ARG A 367 -18.09 29.63 4.77
N ILE A 368 -16.83 30.08 4.72
CA ILE A 368 -15.74 29.46 5.47
C ILE A 368 -15.28 30.48 6.49
N GLN A 369 -15.52 30.18 7.76
CA GLN A 369 -15.13 31.04 8.88
C GLN A 369 -13.76 30.57 9.36
N TRP A 370 -12.71 31.28 8.96
CA TRP A 370 -11.36 30.93 9.39
C TRP A 370 -11.11 31.49 10.79
N LEU A 371 -10.91 30.60 11.76
CA LEU A 371 -10.70 31.02 13.15
C LEU A 371 -9.26 31.49 13.37
N MET B 4 22.05 -19.20 18.15
CA MET B 4 21.59 -19.52 16.77
C MET B 4 21.16 -20.97 16.64
N PRO B 5 20.05 -21.24 15.96
CA PRO B 5 19.64 -22.63 15.74
C PRO B 5 20.67 -23.37 14.89
N ALA B 6 20.79 -24.67 15.15
CA ALA B 6 21.58 -25.52 14.28
C ALA B 6 21.00 -25.49 12.88
N PHE B 7 21.81 -25.09 11.91
CA PHE B 7 21.36 -24.87 10.54
C PHE B 7 21.91 -25.95 9.62
N SER B 8 21.08 -26.42 8.70
CA SER B 8 21.49 -27.44 7.75
C SER B 8 20.71 -27.26 6.45
N TRP B 9 21.37 -27.55 5.33
CA TRP B 9 20.74 -27.54 4.02
C TRP B 9 20.06 -28.86 3.69
N ASP B 10 20.14 -29.86 4.58
CA ASP B 10 19.63 -31.18 4.26
C ASP B 10 18.19 -31.11 3.76
N THR B 11 17.35 -30.34 4.43
CA THR B 11 15.98 -30.08 4.00
C THR B 11 15.70 -28.59 4.16
N VAL B 12 14.57 -28.15 3.64
CA VAL B 12 14.17 -26.75 3.73
C VAL B 12 14.24 -26.32 5.19
N PRO B 13 15.00 -25.27 5.53
CA PRO B 13 15.00 -24.76 6.91
C PRO B 13 13.70 -24.01 7.21
N VAL B 14 12.93 -24.53 8.15
CA VAL B 14 11.59 -24.01 8.43
C VAL B 14 11.59 -23.25 9.74
N TYR B 15 10.93 -22.09 9.73
CA TYR B 15 10.68 -21.26 10.89
C TYR B 15 9.18 -21.22 11.13
N LEU B 16 8.76 -21.37 12.38
CA LEU B 16 7.36 -21.31 12.75
C LEU B 16 7.12 -20.07 13.60
N HIS B 17 5.96 -19.42 13.37
CA HIS B 17 5.63 -18.18 14.04
C HIS B 17 4.11 -18.17 14.24
N PHE B 18 3.66 -18.58 15.42
CA PHE B 18 2.23 -18.79 15.62
C PHE B 18 1.85 -18.62 17.09
N GLY B 19 0.56 -18.44 17.31
CA GLY B 19 0.01 -18.42 18.65
C GLY B 19 -1.28 -19.18 18.76
N SER B 20 -1.48 -19.83 19.90
CA SER B 20 -2.72 -20.52 20.22
C SER B 20 -3.30 -19.92 21.49
N PRO B 21 -4.57 -19.52 21.52
CA PRO B 21 -5.13 -18.97 22.77
C PRO B 21 -5.15 -19.98 23.90
N THR B 22 -5.10 -21.28 23.60
CA THR B 22 -5.09 -22.34 24.59
C THR B 22 -3.76 -23.08 24.53
N LYS B 23 -3.36 -23.65 25.67
CA LYS B 23 -2.12 -24.42 25.71
C LYS B 23 -2.12 -25.48 24.62
N MET B 24 -0.99 -25.63 23.94
CA MET B 24 -0.94 -26.53 22.80
C MET B 24 -1.25 -27.96 23.22
N THR B 25 -1.89 -28.69 22.31
CA THR B 25 -2.06 -30.11 22.50
C THR B 25 -0.73 -30.83 22.28
N ASN B 26 -0.63 -32.04 22.85
CA ASN B 26 0.56 -32.84 22.63
C ASN B 26 0.80 -33.08 21.15
N GLU B 27 -0.29 -33.23 20.38
CA GLU B 27 -0.18 -33.39 18.94
C GLU B 27 0.44 -32.16 18.28
N GLN B 28 0.03 -30.98 18.70
CA GLN B 28 0.57 -29.75 18.13
C GLN B 28 2.03 -29.55 18.51
N VAL B 29 2.39 -29.87 19.76
CA VAL B 29 3.79 -29.76 20.18
C VAL B 29 4.66 -30.66 19.33
N GLN B 30 4.25 -31.93 19.17
CA GLN B 30 5.05 -32.87 18.39
C GLN B 30 5.21 -32.40 16.96
N THR B 31 4.15 -31.87 16.36
CA THR B 31 4.20 -31.42 14.97
C THR B 31 5.17 -30.26 14.81
N ALA B 32 5.03 -29.23 15.65
CA ALA B 32 5.96 -28.10 15.60
C ALA B 32 7.40 -28.57 15.75
N ALA B 33 7.62 -29.55 16.62
CA ALA B 33 8.98 -29.97 16.94
C ALA B 33 9.63 -30.73 15.79
N ARG B 34 8.86 -31.55 15.07
CA ARG B 34 9.45 -32.28 13.96
C ARG B 34 9.55 -31.42 12.71
N LEU B 35 8.80 -30.32 12.63
CA LEU B 35 8.88 -29.45 11.47
C LEU B 35 10.07 -28.49 11.52
N SER B 36 10.45 -28.04 12.71
CA SER B 36 11.30 -26.85 12.81
C SER B 36 12.18 -26.88 14.05
N ASN B 37 13.36 -26.27 13.92
CA ASN B 37 14.23 -25.98 15.05
C ASN B 37 14.18 -24.51 15.46
N PHE B 38 13.23 -23.74 14.96
CA PHE B 38 13.22 -22.29 15.19
C PHE B 38 11.78 -21.82 15.20
N ILE B 39 11.30 -21.38 16.36
CA ILE B 39 9.89 -21.11 16.60
C ILE B 39 9.74 -19.83 17.40
N CYS B 40 8.73 -19.04 17.05
CA CYS B 40 8.27 -17.92 17.88
C CYS B 40 6.81 -18.15 18.25
N LEU B 41 6.50 -17.96 19.52
CA LEU B 41 5.12 -18.01 20.01
C LEU B 41 4.58 -16.58 20.09
N GLU B 42 3.39 -16.37 19.53
CA GLU B 42 2.88 -15.03 19.31
C GLU B 42 2.34 -14.37 20.58
N LYS B 43 1.78 -13.17 20.36
CA LYS B 43 1.57 -12.21 21.45
C LYS B 43 0.53 -12.67 22.45
N ALA B 44 -0.47 -13.44 22.02
CA ALA B 44 -1.58 -13.83 22.86
C ALA B 44 -1.60 -15.32 23.16
N HIS B 45 -0.48 -16.01 22.96
CA HIS B 45 -0.42 -17.44 23.22
C HIS B 45 -0.78 -17.74 24.67
N GLY B 46 -1.78 -18.61 24.84
CA GLY B 46 -2.19 -19.05 26.15
C GLY B 46 -3.17 -18.14 26.86
N ARG B 47 -3.71 -17.13 26.18
CA ARG B 47 -4.56 -16.14 26.85
C ARG B 47 -5.82 -16.79 27.43
N THR B 48 -6.32 -17.86 26.80
CA THR B 48 -7.54 -18.49 27.28
C THR B 48 -7.26 -19.47 28.42
N THR B 49 -6.13 -20.17 28.37
CA THR B 49 -5.82 -21.12 29.43
C THR B 49 -5.45 -20.40 30.73
N ASP B 50 -4.79 -19.25 30.61
CA ASP B 50 -4.41 -18.46 31.80
C ASP B 50 -4.49 -16.99 31.39
N ARG B 51 -5.65 -16.38 31.64
CA ARG B 51 -5.86 -14.99 31.26
C ARG B 51 -5.01 -14.05 32.09
N GLU B 52 -4.59 -14.47 33.29
CA GLU B 52 -3.84 -13.57 34.17
C GLU B 52 -2.35 -13.58 33.86
N HIS B 53 -1.79 -14.73 33.50
CA HIS B 53 -0.36 -14.87 33.23
C HIS B 53 -0.14 -15.78 32.03
N PRO B 54 -0.59 -15.37 30.85
CA PRO B 54 -0.39 -16.21 29.66
C PRO B 54 1.08 -16.42 29.29
N GLU B 55 1.97 -15.50 29.69
CA GLU B 55 3.38 -15.72 29.42
C GLU B 55 3.86 -17.03 30.04
N ARG B 56 3.26 -17.44 31.15
CA ARG B 56 3.61 -18.72 31.75
C ARG B 56 3.21 -19.87 30.82
N ILE B 57 2.05 -19.75 30.16
CA ILE B 57 1.63 -20.77 29.20
C ILE B 57 2.60 -20.82 28.02
N ALA B 58 3.02 -19.66 27.52
CA ALA B 58 4.00 -19.65 26.44
C ALA B 58 5.29 -20.32 26.88
N ALA B 59 5.72 -20.10 28.12
CA ALA B 59 6.95 -20.70 28.61
C ALA B 59 6.82 -22.21 28.71
N GLU B 60 5.70 -22.71 29.25
CA GLU B 60 5.49 -24.15 29.32
C GLU B 60 5.51 -24.78 27.92
N ASP B 61 4.79 -24.17 26.98
CA ASP B 61 4.76 -24.74 25.64
C ASP B 61 6.13 -24.67 24.97
N ALA B 62 6.91 -23.63 25.26
CA ALA B 62 8.27 -23.58 24.76
C ALA B 62 9.09 -24.75 25.28
N GLN B 63 8.93 -25.08 26.56
CA GLN B 63 9.67 -26.19 27.15
C GLN B 63 9.23 -27.51 26.54
N ARG B 64 7.93 -27.67 26.31
CA ARG B 64 7.42 -28.92 25.74
C ARG B 64 7.94 -29.13 24.33
N ILE B 65 8.05 -28.05 23.55
CA ILE B 65 8.56 -28.17 22.20
C ILE B 65 10.03 -28.57 22.23
N LYS B 66 10.81 -27.89 23.07
CA LYS B 66 12.23 -28.25 23.20
C LYS B 66 12.41 -29.65 23.75
N THR B 67 11.46 -30.13 24.57
CA THR B 67 11.50 -31.53 25.00
C THR B 67 11.40 -32.46 23.80
N ALA B 68 10.46 -32.17 22.89
CA ALA B 68 10.32 -33.00 21.70
C ALA B 68 11.45 -32.77 20.72
N ASN B 69 12.08 -31.59 20.74
CA ASN B 69 13.19 -31.25 19.85
C ASN B 69 14.20 -30.40 20.61
N PRO B 70 15.16 -31.04 21.29
CA PRO B 70 16.16 -30.27 22.05
C PRO B 70 16.98 -29.31 21.20
N ASP B 71 17.03 -29.51 19.88
CA ASP B 71 17.71 -28.56 19.00
C ASP B 71 16.87 -27.34 18.68
N ALA B 72 15.63 -27.30 19.15
CA ALA B 72 14.73 -26.21 18.81
C ALA B 72 15.00 -24.98 19.66
N LYS B 73 15.04 -23.81 19.01
CA LYS B 73 15.17 -22.53 19.68
C LYS B 73 13.82 -21.83 19.62
N VAL B 74 13.36 -21.31 20.76
CA VAL B 74 12.02 -20.76 20.88
C VAL B 74 12.14 -19.31 21.36
N LEU B 75 11.58 -18.38 20.59
CA LEU B 75 11.65 -16.96 20.89
C LEU B 75 10.36 -16.52 21.58
N MET B 76 10.49 -15.58 22.51
CA MET B 76 9.36 -14.90 23.12
C MET B 76 9.02 -13.65 22.33
N TYR B 77 7.72 -13.45 22.11
CA TYR B 77 7.24 -12.29 21.38
C TYR B 77 7.22 -11.05 22.27
N TRP B 78 7.52 -9.90 21.66
CA TRP B 78 7.46 -8.64 22.38
C TRP B 78 7.50 -7.51 21.36
N ASN B 79 6.66 -6.51 21.56
CA ASN B 79 6.42 -5.47 20.57
C ASN B 79 7.16 -4.19 20.95
N THR B 80 7.87 -3.61 19.98
CA THR B 80 8.63 -2.38 20.23
C THR B 80 7.71 -1.25 20.66
N LEU B 81 6.52 -1.18 20.06
CA LEU B 81 5.63 -0.02 20.21
C LEU B 81 4.38 -0.31 21.01
N ILE B 82 3.81 -1.51 20.88
CA ILE B 82 2.45 -1.79 21.32
C ILE B 82 2.49 -2.61 22.60
N ALA B 83 1.80 -2.12 23.62
CA ALA B 83 1.66 -2.87 24.88
C ALA B 83 0.43 -3.78 24.79
N TRP B 84 0.52 -4.77 23.91
CA TRP B 84 -0.56 -5.72 23.74
C TRP B 84 -0.98 -6.26 25.12
N PRO B 85 -2.23 -6.08 25.54
CA PRO B 85 -2.59 -6.31 26.94
C PRO B 85 -2.88 -7.75 27.29
N PHE B 86 -2.10 -8.68 26.73
CA PHE B 86 -2.36 -10.10 26.93
C PHE B 86 -1.52 -10.67 28.08
N THR B 87 -0.24 -10.34 28.13
CA THR B 87 0.61 -10.79 29.23
C THR B 87 0.36 -9.93 30.47
N SER B 88 0.74 -10.47 31.64
CA SER B 88 0.60 -9.71 32.86
C SER B 88 1.43 -8.43 32.84
N TYR B 89 2.54 -8.44 32.08
CA TYR B 89 3.42 -7.28 32.06
C TYR B 89 2.73 -6.05 31.50
N ASN B 90 1.81 -6.23 30.55
CA ASN B 90 1.17 -5.12 29.85
C ASN B 90 -0.26 -4.86 30.30
N SER B 91 -0.73 -5.57 31.32
CA SER B 91 -2.10 -5.38 31.79
C SER B 91 -2.27 -3.98 32.37
N ASP B 92 -3.26 -3.25 31.87
CA ASP B 92 -3.56 -1.89 32.34
C ASP B 92 -2.29 -1.03 32.36
N PHE B 93 -1.60 -1.03 31.23
CA PHE B 93 -0.28 -0.40 31.18
C PHE B 93 -0.37 1.10 31.50
N ALA B 94 -1.21 1.84 30.78
CA ALA B 94 -1.29 3.28 30.99
C ALA B 94 -1.75 3.59 32.41
N GLU B 95 -2.56 2.73 33.00
CA GLU B 95 -3.14 2.99 34.31
C GLU B 95 -2.15 2.73 35.44
N THR B 96 -1.22 1.79 35.26
CA THR B 96 -0.30 1.40 36.32
C THR B 96 1.07 2.03 36.16
N HIS B 97 1.22 3.04 35.31
CA HIS B 97 2.49 3.69 35.08
C HIS B 97 2.28 5.18 34.92
N PRO B 98 3.34 5.97 35.09
CA PRO B 98 3.20 7.43 34.96
C PRO B 98 2.62 7.82 33.60
N GLU B 99 1.95 8.97 33.60
CA GLU B 99 1.31 9.48 32.39
C GLU B 99 2.28 9.48 31.20
N ASN B 100 3.52 9.94 31.41
CA ASN B 100 4.44 10.10 30.30
C ASN B 100 5.12 8.78 29.91
N TRP B 101 4.64 7.64 30.39
CA TRP B 101 5.09 6.35 29.87
C TRP B 101 4.27 5.88 28.68
N THR B 102 3.13 6.52 28.41
CA THR B 102 2.22 6.09 27.37
C THR B 102 2.19 7.12 26.26
N LEU B 103 2.17 6.64 25.01
CA LEU B 103 2.01 7.54 23.86
C LEU B 103 0.65 8.22 23.92
N ARG B 104 0.66 9.55 23.88
CA ARG B 104 -0.53 10.35 24.09
C ARG B 104 -0.56 11.45 23.05
N ASP B 105 -1.77 11.86 22.66
CA ASP B 105 -1.92 13.06 21.85
C ASP B 105 -1.20 14.21 22.54
N ARG B 106 -0.42 14.96 21.76
CA ARG B 106 0.43 15.98 22.39
C ARG B 106 -0.39 17.15 22.92
N SER B 107 -1.51 17.48 22.26
CA SER B 107 -2.34 18.58 22.71
C SER B 107 -3.29 18.14 23.83
N THR B 108 -3.97 17.01 23.64
CA THR B 108 -4.83 16.42 24.65
C THR B 108 -4.09 15.24 25.27
N GLY B 109 -4.16 15.12 26.59
CA GLY B 109 -3.47 14.03 27.25
C GLY B 109 -3.97 12.64 26.92
N GLU B 110 -4.82 12.52 25.90
CA GLU B 110 -5.51 11.25 25.64
C GLU B 110 -4.53 10.22 25.04
N PRO B 111 -4.59 8.97 25.49
CA PRO B 111 -3.74 7.93 24.88
C PRO B 111 -4.06 7.76 23.40
N LEU B 112 -3.00 7.56 22.61
CA LEU B 112 -3.14 7.19 21.20
C LEU B 112 -3.14 5.67 21.13
N LEU B 113 -4.30 5.09 20.86
CA LEU B 113 -4.49 3.65 20.95
C LEU B 113 -4.15 2.97 19.63
N LYS B 114 -3.52 1.79 19.73
CA LYS B 114 -3.38 0.91 18.58
C LYS B 114 -4.74 0.34 18.17
N ALA B 115 -5.58 0.00 19.15
CA ALA B 115 -6.87 -0.62 18.87
C ALA B 115 -7.61 -0.85 20.18
N MET B 116 -8.89 -1.17 20.05
CA MET B 116 -9.71 -1.69 21.14
C MET B 116 -9.90 -3.18 20.94
N HIS B 117 -9.49 -3.98 21.92
CA HIS B 117 -9.78 -5.42 21.93
C HIS B 117 -11.04 -5.57 22.76
N GLY B 118 -12.19 -5.57 22.08
CA GLY B 118 -13.46 -5.52 22.77
C GLY B 118 -13.60 -4.22 23.52
N SER B 119 -13.55 -4.28 24.85
CA SER B 119 -13.57 -3.10 25.69
C SER B 119 -12.22 -2.80 26.33
N THR B 120 -11.18 -3.58 26.01
CA THR B 120 -9.86 -3.41 26.61
C THR B 120 -8.98 -2.56 25.69
N PRO B 121 -8.53 -1.39 26.12
CA PRO B 121 -7.68 -0.58 25.24
C PRO B 121 -6.29 -1.19 25.09
N VAL B 122 -5.72 -0.98 23.91
CA VAL B 122 -4.35 -1.40 23.62
C VAL B 122 -3.51 -0.12 23.55
N TYR B 123 -2.65 0.06 24.54
CA TYR B 123 -1.82 1.26 24.62
C TYR B 123 -0.51 1.06 23.87
N GLN B 124 0.22 2.16 23.69
CA GLN B 124 1.50 2.15 22.99
C GLN B 124 2.52 2.89 23.84
N TYR B 125 3.76 2.40 23.82
CA TYR B 125 4.81 2.89 24.70
C TYR B 125 5.29 4.28 24.26
N ASN B 126 5.66 5.10 25.24
CA ASN B 126 6.38 6.34 24.95
C ASN B 126 7.85 6.00 24.80
N LEU B 127 8.25 5.65 23.58
CA LEU B 127 9.61 5.22 23.31
C LEU B 127 10.63 6.32 23.56
N LEU B 128 10.20 7.57 23.59
CA LEU B 128 11.08 8.70 23.82
C LEU B 128 11.43 8.88 25.29
N ASN B 129 10.81 8.10 26.18
CA ASN B 129 11.07 8.20 27.61
C ASN B 129 12.13 7.18 28.01
N PRO B 130 13.30 7.61 28.50
CA PRO B 130 14.32 6.61 28.87
C PRO B 130 13.85 5.62 29.92
N ASP B 131 12.96 6.03 30.83
CA ASP B 131 12.46 5.11 31.84
C ASP B 131 11.63 4.00 31.20
N VAL B 132 10.89 4.33 30.14
CA VAL B 132 10.13 3.31 29.42
C VAL B 132 11.07 2.34 28.72
N ARG B 133 12.12 2.87 28.08
CA ARG B 133 13.06 2.00 27.38
C ARG B 133 13.75 1.05 28.35
N LYS B 134 14.13 1.53 29.52
CA LYS B 134 14.72 0.65 30.53
C LYS B 134 13.69 -0.39 31.00
N TRP B 135 12.46 0.04 31.25
CA TRP B 135 11.43 -0.90 31.67
C TRP B 135 11.17 -1.95 30.60
N TRP B 136 11.10 -1.51 29.34
CA TRP B 136 10.86 -2.42 28.22
C TRP B 136 11.94 -3.50 28.17
N ALA B 137 13.21 -3.09 28.22
CA ALA B 137 14.31 -4.04 28.14
C ALA B 137 14.38 -4.93 29.37
N ASP B 138 14.22 -4.34 30.57
CA ASP B 138 14.28 -5.13 31.79
C ASP B 138 13.18 -6.18 31.82
N THR B 139 11.98 -5.83 31.36
CA THR B 139 10.86 -6.76 31.42
C THR B 139 11.08 -7.96 30.50
N ILE B 140 11.32 -7.70 29.22
CA ILE B 140 11.42 -8.79 28.26
C ILE B 140 12.72 -9.57 28.48
N GLY B 141 13.82 -8.87 28.75
CA GLY B 141 15.06 -9.56 29.04
C GLY B 141 14.97 -10.45 30.26
N GLY B 142 14.30 -9.97 31.31
CA GLY B 142 14.13 -10.79 32.50
C GLY B 142 13.23 -11.99 32.26
N ALA B 143 12.18 -11.80 31.45
CA ALA B 143 11.28 -12.91 31.15
C ALA B 143 11.97 -13.96 30.30
N VAL B 144 12.79 -13.54 29.33
CA VAL B 144 13.51 -14.50 28.50
C VAL B 144 14.42 -15.37 29.37
N ASN B 145 15.20 -14.74 30.25
CA ASN B 145 16.12 -15.49 31.09
C ASN B 145 15.36 -16.35 32.10
N GLU B 146 14.27 -15.83 32.65
CA GLU B 146 13.54 -16.56 33.68
C GLU B 146 12.83 -17.78 33.12
N PHE B 147 12.21 -17.65 31.95
CA PHE B 147 11.44 -18.73 31.35
C PHE B 147 12.25 -19.64 30.44
N ASN B 148 13.55 -19.41 30.32
CA ASN B 148 14.42 -20.22 29.48
C ASN B 148 14.07 -20.10 27.99
N PHE B 149 13.62 -18.92 27.57
CA PHE B 149 13.50 -18.69 26.13
C PHE B 149 14.89 -18.53 25.54
N ASP B 150 14.98 -18.77 24.23
CA ASP B 150 16.24 -18.67 23.50
C ASP B 150 16.44 -17.30 22.86
N GLY B 151 15.53 -16.37 23.07
CA GLY B 151 15.67 -15.05 22.49
C GLY B 151 14.33 -14.33 22.48
N VAL B 152 14.34 -13.14 21.86
CA VAL B 152 13.16 -12.31 21.72
C VAL B 152 12.89 -12.07 20.24
N PHE B 153 11.61 -12.08 19.88
CA PHE B 153 11.14 -11.54 18.60
C PHE B 153 10.58 -10.15 18.88
N MET B 154 11.29 -9.13 18.40
CA MET B 154 10.93 -7.74 18.69
C MET B 154 10.22 -7.17 17.46
N ASP B 155 8.90 -7.02 17.57
CA ASP B 155 8.03 -6.66 16.46
C ASP B 155 7.89 -5.14 16.34
N ALA B 156 7.51 -4.70 15.14
CA ALA B 156 7.10 -3.32 14.88
C ALA B 156 8.20 -2.31 15.22
N VAL B 157 9.42 -2.59 14.78
CA VAL B 157 10.53 -1.70 15.10
C VAL B 157 10.34 -0.31 14.48
N SER B 158 9.58 -0.21 13.40
CA SER B 158 9.43 1.05 12.67
C SER B 158 8.03 1.62 12.71
N GLN B 159 7.07 0.92 13.31
CA GLN B 159 5.68 1.36 13.25
C GLN B 159 5.46 2.65 14.04
N SER B 160 6.38 3.01 14.93
CA SER B 160 6.25 4.26 15.67
C SER B 160 6.21 5.46 14.73
N LYS B 161 6.70 5.32 13.50
CA LYS B 161 6.87 6.44 12.59
C LYS B 161 5.72 6.60 11.61
N ARG B 162 4.62 5.89 11.79
CA ARG B 162 3.44 6.18 10.99
C ARG B 162 3.14 7.67 11.05
N PRO B 163 2.79 8.30 9.93
CA PRO B 163 2.48 9.74 9.96
C PRO B 163 1.48 10.13 11.03
N LEU B 164 0.51 9.26 11.33
CA LEU B 164 -0.51 9.61 12.31
C LEU B 164 0.12 9.82 13.69
N TRP B 165 1.03 8.93 14.10
CA TRP B 165 1.64 9.08 15.43
C TRP B 165 2.58 10.28 15.44
N LEU B 166 3.29 10.51 14.34
CA LEU B 166 4.19 11.66 14.27
C LEU B 166 3.42 12.97 14.38
N GLN B 167 2.24 13.02 13.76
CA GLN B 167 1.46 14.25 13.72
C GLN B 167 0.78 14.53 15.06
N LYS B 168 0.16 13.52 15.66
CA LYS B 168 -0.64 13.72 16.86
C LYS B 168 0.14 13.49 18.15
N GLY B 169 1.22 12.71 18.12
CA GLY B 169 1.89 12.29 19.33
C GLY B 169 3.33 12.72 19.47
N TRP B 170 4.20 12.22 18.59
CA TRP B 170 5.63 12.47 18.75
C TRP B 170 6.02 13.89 18.35
N GLY B 171 5.50 14.35 17.23
CA GLY B 171 6.02 15.52 16.53
C GLY B 171 6.64 15.05 15.23
N LEU B 172 6.44 15.84 14.17
CA LEU B 172 6.89 15.44 12.84
C LEU B 172 8.40 15.26 12.76
N ASP B 173 9.15 15.80 13.73
CA ASP B 173 10.60 15.86 13.66
C ASP B 173 11.28 14.76 14.47
N LYS B 174 10.54 13.70 14.83
CA LYS B 174 11.05 12.72 15.78
C LYS B 174 11.39 11.38 15.16
N ALA B 175 11.27 11.23 13.84
CA ALA B 175 11.50 9.93 13.23
C ALA B 175 12.89 9.39 13.59
N ASP B 176 13.93 10.22 13.47
CA ASP B 176 15.27 9.75 13.75
C ASP B 176 15.47 9.44 15.23
N GLU B 177 14.85 10.22 16.11
CA GLU B 177 14.92 9.91 17.54
C GLU B 177 14.20 8.61 17.85
N LEU B 178 13.12 8.31 17.13
CA LEU B 178 12.41 7.05 17.34
C LEU B 178 13.25 5.87 16.89
N ASP B 179 14.02 6.04 15.81
CA ASP B 179 14.98 5.02 15.41
C ASP B 179 16.06 4.84 16.48
N ALA B 180 16.60 5.95 16.99
CA ALA B 180 17.60 5.87 18.02
C ALA B 180 17.04 5.20 19.29
N ALA B 181 15.77 5.46 19.58
CA ALA B 181 15.14 4.81 20.73
C ALA B 181 15.09 3.30 20.56
N ALA B 182 14.69 2.84 19.36
CA ALA B 182 14.67 1.40 19.12
C ALA B 182 16.05 0.79 19.28
N VAL B 183 17.10 1.46 18.79
CA VAL B 183 18.45 0.92 18.92
C VAL B 183 18.84 0.80 20.39
N ASP B 184 18.53 1.82 21.20
CA ASP B 184 18.87 1.77 22.61
C ASP B 184 18.13 0.63 23.29
N MET B 185 16.88 0.42 22.89
CA MET B 185 16.08 -0.68 23.40
C MET B 185 16.69 -2.02 23.03
N MET B 186 17.17 -2.12 21.79
CA MET B 186 17.90 -3.29 21.33
C MET B 186 19.14 -3.54 22.16
N ARG B 187 19.92 -2.49 22.43
CA ARG B 187 21.20 -2.67 23.10
C ARG B 187 21.02 -3.04 24.57
N GLN B 188 20.07 -2.42 25.25
CA GLN B 188 19.80 -2.82 26.64
C GLN B 188 19.32 -4.26 26.71
N THR B 189 18.46 -4.67 25.78
CA THR B 189 17.94 -6.03 25.81
C THR B 189 19.05 -7.06 25.58
N LYS B 190 19.90 -6.82 24.58
CA LYS B 190 21.01 -7.74 24.32
C LYS B 190 21.97 -7.80 25.50
N ALA B 191 22.17 -6.68 26.19
CA ALA B 191 23.02 -6.70 27.38
C ALA B 191 22.49 -7.68 28.43
N ILE B 192 21.17 -7.85 28.49
CA ILE B 192 20.57 -8.68 29.52
C ILE B 192 20.52 -10.15 29.10
N ILE B 193 20.13 -10.44 27.85
CA ILE B 193 19.96 -11.83 27.43
C ILE B 193 21.27 -12.45 26.98
N GLY B 194 22.30 -11.65 26.72
CA GLY B 194 23.62 -12.19 26.43
C GLY B 194 23.82 -12.50 24.96
N ASN B 195 25.04 -12.96 24.65
CA ASN B 195 25.39 -13.31 23.29
C ASN B 195 25.03 -14.74 22.93
N ASN B 196 24.54 -15.52 23.88
CA ASN B 196 24.04 -16.87 23.60
C ASN B 196 22.54 -16.91 23.34
N ARG B 197 21.84 -15.78 23.49
CA ARG B 197 20.44 -15.66 23.16
C ARG B 197 20.26 -14.70 21.99
N LEU B 198 19.12 -14.83 21.31
CA LEU B 198 18.89 -14.16 20.04
C LEU B 198 17.96 -12.96 20.21
N LEU B 199 18.26 -11.89 19.48
CA LEU B 199 17.32 -10.78 19.30
C LEU B 199 17.03 -10.67 17.81
N ILE B 200 15.80 -10.99 17.43
CA ILE B 200 15.31 -10.91 16.06
C ILE B 200 14.26 -9.80 16.02
N TYR B 201 14.33 -8.94 15.00
CA TYR B 201 13.39 -7.84 14.89
C TYR B 201 12.64 -7.90 13.56
N ASN B 202 11.46 -7.30 13.55
CA ASN B 202 10.67 -7.16 12.33
C ASN B 202 10.66 -5.68 11.97
N GLY B 203 11.41 -5.30 10.94
CA GLY B 203 12.21 -6.15 10.06
C GLY B 203 12.49 -5.44 8.76
N PHE B 204 12.76 -6.21 7.71
CA PHE B 204 13.04 -5.62 6.41
C PHE B 204 11.73 -5.25 5.71
N ARG B 205 11.76 -4.12 5.00
CA ARG B 205 10.66 -3.71 4.14
C ARG B 205 11.22 -3.07 2.88
N SER B 206 10.62 -3.40 1.75
CA SER B 206 10.95 -2.76 0.49
C SER B 206 10.10 -1.50 0.29
N LYS B 207 10.61 -0.59 -0.54
CA LYS B 207 9.88 0.61 -0.95
C LYS B 207 9.92 0.70 -2.45
N SER B 208 8.86 1.27 -3.04
CA SER B 208 8.75 1.39 -4.49
C SER B 208 7.53 2.23 -4.87
N ALA B 216 14.83 -0.26 0.43
CA ALA B 216 15.59 -1.10 1.35
C ALA B 216 15.52 -0.55 2.78
N ALA B 217 14.34 -0.66 3.39
CA ALA B 217 14.08 -0.09 4.69
C ALA B 217 14.16 -1.15 5.78
N GLY B 218 14.67 -0.76 6.95
CA GLY B 218 14.73 -1.64 8.10
C GLY B 218 16.05 -2.33 8.31
N THR B 219 16.97 -2.24 7.33
CA THR B 219 18.26 -2.89 7.49
C THR B 219 19.16 -2.17 8.48
N GLU B 220 18.87 -0.90 8.79
CA GLU B 220 19.73 -0.10 9.63
C GLU B 220 19.82 -0.61 11.06
N PHE B 221 18.95 -1.53 11.46
CA PHE B 221 18.96 -2.07 12.82
C PHE B 221 19.78 -3.34 12.94
N LEU B 222 20.31 -3.86 11.84
CA LEU B 222 21.02 -5.14 11.88
C LEU B 222 22.25 -5.11 12.79
N PRO B 223 23.06 -4.06 12.82
CA PRO B 223 24.26 -4.09 13.68
C PRO B 223 23.95 -4.38 15.14
N TYR B 224 22.72 -4.13 15.59
CA TYR B 224 22.36 -4.24 16.99
C TYR B 224 21.52 -5.48 17.28
N SER B 225 21.37 -6.37 16.31
CA SER B 225 20.50 -7.52 16.43
C SER B 225 21.20 -8.75 15.88
N ASP B 226 20.54 -9.91 16.00
CA ASP B 226 21.04 -11.15 15.44
C ASP B 226 20.34 -11.53 14.14
N GLY B 227 19.27 -10.86 13.77
CA GLY B 227 18.58 -11.15 12.54
C GLY B 227 17.30 -10.35 12.42
N ALA B 228 16.61 -10.56 11.30
CA ALA B 228 15.40 -9.81 10.99
C ALA B 228 14.41 -10.68 10.24
N GLN B 229 13.15 -10.25 10.27
CA GLN B 229 12.06 -10.87 9.52
C GLN B 229 11.74 -10.06 8.27
N ILE B 230 11.41 -10.77 7.19
CA ILE B 230 10.75 -10.20 6.02
C ILE B 230 9.29 -10.64 6.11
N GLU B 231 8.43 -9.78 6.66
CA GLU B 231 7.04 -10.15 6.88
C GLU B 231 6.23 -10.20 5.60
N HIS B 232 6.55 -9.33 4.64
CA HIS B 232 5.75 -9.20 3.42
C HIS B 232 6.53 -9.72 2.22
N PHE B 233 6.99 -10.96 2.30
CA PHE B 233 7.67 -11.60 1.18
C PHE B 233 6.61 -11.94 0.13
N ASP B 234 6.54 -11.11 -0.92
CA ASP B 234 5.58 -11.27 -2.01
C ASP B 234 4.14 -11.20 -1.50
N GLN B 235 3.86 -10.17 -0.71
CA GLN B 235 2.56 -10.04 -0.06
C GLN B 235 2.35 -8.60 0.41
N LEU B 236 1.07 -8.23 0.54
CA LEU B 236 0.66 -6.96 1.10
C LEU B 236 1.44 -5.80 0.49
N SER B 237 2.33 -5.16 1.24
CA SER B 237 2.96 -3.95 0.74
C SER B 237 3.99 -4.21 -0.36
N SER B 238 4.47 -5.45 -0.51
CA SER B 238 5.62 -5.75 -1.38
C SER B 238 5.30 -6.97 -2.25
N ILE B 239 4.67 -6.74 -3.40
CA ILE B 239 4.20 -7.83 -4.26
C ILE B 239 4.85 -7.84 -5.63
N THR B 240 5.72 -6.88 -5.95
CA THR B 240 6.25 -6.81 -7.30
C THR B 240 7.55 -7.59 -7.42
N LYS B 241 7.92 -7.85 -8.68
CA LYS B 241 9.19 -8.51 -8.96
C LYS B 241 10.37 -7.67 -8.48
N GLU B 242 10.26 -6.34 -8.52
CA GLU B 242 11.35 -5.50 -8.01
C GLU B 242 11.47 -5.62 -6.50
N ASP B 243 10.34 -5.72 -5.80
CA ASP B 243 10.35 -5.94 -4.35
C ASP B 243 11.07 -7.24 -4.01
N MET B 244 10.76 -8.31 -4.74
CA MET B 244 11.41 -9.60 -4.51
C MET B 244 12.93 -9.46 -4.59
N VAL B 245 13.42 -8.86 -5.67
CA VAL B 245 14.86 -8.73 -5.84
C VAL B 245 15.44 -7.88 -4.71
N ALA B 246 14.73 -6.82 -4.31
CA ALA B 246 15.19 -6.00 -3.19
C ALA B 246 15.38 -6.85 -1.93
N TYR B 247 14.41 -7.71 -1.64
CA TYR B 247 14.52 -8.53 -0.43
C TYR B 247 15.71 -9.48 -0.53
N TRP B 248 15.93 -10.07 -1.71
CA TRP B 248 17.09 -10.93 -1.88
C TRP B 248 18.38 -10.16 -1.62
N LYS B 249 18.44 -8.91 -2.08
CA LYS B 249 19.62 -8.09 -1.83
C LYS B 249 19.77 -7.77 -0.34
N MET B 250 18.68 -7.40 0.33
CA MET B 250 18.76 -7.18 1.77
C MET B 250 19.21 -8.44 2.49
N ALA B 251 18.66 -9.59 2.10
CA ALA B 251 19.03 -10.84 2.77
C ALA B 251 20.50 -11.16 2.54
N ALA B 252 21.00 -10.92 1.33
CA ALA B 252 22.41 -11.16 1.07
C ALA B 252 23.31 -10.28 1.92
N THR B 253 22.86 -9.04 2.17
CA THR B 253 23.67 -8.14 2.99
C THR B 253 23.67 -8.57 4.44
N ALA B 254 22.51 -9.01 4.95
CA ALA B 254 22.49 -9.62 6.28
C ALA B 254 23.39 -10.84 6.33
N ALA B 255 23.42 -11.62 5.23
CA ALA B 255 24.24 -12.83 5.20
C ALA B 255 25.73 -12.52 5.18
N LYS B 256 26.13 -11.31 4.77
CA LYS B 256 27.55 -10.97 4.81
C LYS B 256 28.09 -10.98 6.23
N ASP B 257 27.22 -10.76 7.21
CA ASP B 257 27.56 -10.89 8.62
C ASP B 257 26.98 -12.16 9.23
N ASN B 258 26.50 -13.08 8.38
CA ASN B 258 25.93 -14.35 8.84
C ASN B 258 24.81 -14.12 9.85
N LYS B 259 23.99 -13.09 9.58
CA LYS B 259 22.83 -12.77 10.38
C LYS B 259 21.62 -13.57 9.90
N ILE B 260 20.65 -13.75 10.80
CA ILE B 260 19.46 -14.54 10.50
C ILE B 260 18.48 -13.69 9.69
N VAL B 261 17.87 -14.32 8.68
CA VAL B 261 16.77 -13.71 7.93
C VAL B 261 15.61 -14.70 7.90
N LEU B 262 14.44 -14.24 8.30
CA LEU B 262 13.23 -15.06 8.34
C LEU B 262 12.30 -14.60 7.24
N TYR B 263 12.02 -15.49 6.28
CA TYR B 263 11.12 -15.19 5.18
C TYR B 263 9.72 -15.64 5.56
N LYS B 264 8.79 -14.69 5.68
CA LYS B 264 7.38 -15.03 5.86
C LYS B 264 6.74 -15.07 4.47
N ALA B 265 6.55 -16.28 3.94
CA ALA B 265 5.97 -16.49 2.62
C ALA B 265 4.48 -16.81 2.75
N TRP B 266 3.77 -16.67 1.63
CA TRP B 266 2.32 -16.76 1.56
C TRP B 266 1.93 -17.54 0.32
N PRO B 267 0.77 -18.21 0.33
CA PRO B 267 0.40 -19.03 -0.83
C PRO B 267 0.32 -18.24 -2.13
N ASP B 268 -0.21 -17.03 -2.09
CA ASP B 268 -0.32 -16.19 -3.28
C ASP B 268 -0.72 -14.80 -2.81
N HIS B 269 -0.73 -13.85 -3.75
CA HIS B 269 -1.16 -12.50 -3.40
C HIS B 269 -2.53 -12.53 -2.76
N ASP B 270 -2.67 -11.80 -1.65
CA ASP B 270 -3.92 -11.60 -0.92
C ASP B 270 -4.42 -12.85 -0.22
N ILE B 271 -3.61 -13.90 -0.11
CA ILE B 271 -4.01 -15.14 0.57
C ILE B 271 -3.42 -15.04 1.97
N ASN B 272 -4.17 -14.40 2.87
CA ASN B 272 -3.66 -14.10 4.20
C ASN B 272 -4.85 -13.93 5.14
N TRP B 273 -4.54 -13.80 6.44
CA TRP B 273 -5.57 -13.84 7.47
C TRP B 273 -6.51 -12.66 7.41
N LEU B 274 -6.17 -11.63 6.64
CA LEU B 274 -7.00 -10.43 6.51
C LEU B 274 -8.01 -10.54 5.38
N ASN B 275 -7.84 -11.52 4.48
CA ASN B 275 -8.77 -11.75 3.37
C ASN B 275 -9.93 -12.60 3.88
N ARG B 276 -11.05 -11.93 4.17
CA ARG B 276 -12.19 -12.64 4.75
C ARG B 276 -12.67 -13.76 3.82
N LYS B 277 -12.63 -13.53 2.51
CA LYS B 277 -13.09 -14.56 1.59
C LYS B 277 -12.30 -15.85 1.76
N PHE B 278 -10.97 -15.75 1.89
CA PHE B 278 -10.17 -16.95 2.05
C PHE B 278 -10.31 -17.53 3.45
N MET B 279 -10.25 -16.68 4.48
CA MET B 279 -10.30 -17.18 5.85
C MET B 279 -11.61 -17.87 6.16
N SER B 280 -12.69 -17.49 5.50
CA SER B 280 -13.99 -18.09 5.78
C SER B 280 -14.19 -19.45 5.12
N GLN B 281 -13.25 -19.88 4.27
CA GLN B 281 -13.34 -21.22 3.71
C GLN B 281 -13.09 -22.27 4.79
N SER B 282 -13.36 -23.53 4.43
CA SER B 282 -13.17 -24.62 5.37
C SER B 282 -11.68 -24.87 5.58
N PRO B 283 -11.30 -25.37 6.76
CA PRO B 283 -9.89 -25.74 6.96
C PRO B 283 -9.33 -26.66 5.89
N ALA B 284 -10.13 -27.59 5.39
CA ALA B 284 -9.65 -28.50 4.36
C ALA B 284 -9.34 -27.76 3.06
N LYS B 285 -10.22 -26.85 2.65
CA LYS B 285 -9.99 -26.10 1.42
C LYS B 285 -8.75 -25.22 1.53
N LYS B 286 -8.58 -24.55 2.67
CA LYS B 286 -7.44 -23.65 2.84
C LYS B 286 -6.12 -24.43 2.78
N GLU B 287 -6.04 -25.56 3.49
CA GLU B 287 -4.82 -26.34 3.45
C GLU B 287 -4.57 -26.92 2.06
N ALA B 288 -5.63 -27.39 1.40
CA ALA B 288 -5.46 -27.87 0.03
C ALA B 288 -4.88 -26.80 -0.87
N PHE B 289 -5.38 -25.57 -0.75
CA PHE B 289 -4.87 -24.46 -1.55
C PHE B 289 -3.41 -24.17 -1.22
N ALA B 290 -3.08 -24.14 0.08
CA ALA B 290 -1.70 -23.86 0.47
C ALA B 290 -0.75 -24.96 0.00
N ARG B 291 -1.20 -26.22 0.07
CA ARG B 291 -0.35 -27.33 -0.35
C ARG B 291 -0.03 -27.25 -1.83
N GLU B 292 -1.01 -26.88 -2.65
CA GLU B 292 -0.81 -26.82 -4.09
CA GLU B 292 -0.81 -26.82 -4.09
C GLU B 292 -0.02 -25.60 -4.52
N LYS B 293 -0.03 -24.53 -3.74
CA LYS B 293 0.57 -23.27 -4.14
C LYS B 293 1.94 -23.03 -3.54
N ILE B 294 2.46 -23.95 -2.73
CA ILE B 294 3.71 -23.69 -2.04
C ILE B 294 4.90 -23.57 -2.98
N THR B 295 4.78 -24.11 -4.20
CA THR B 295 5.94 -24.24 -5.08
C THR B 295 6.56 -22.88 -5.38
N TYR B 296 5.73 -21.90 -5.72
CA TYR B 296 6.28 -20.59 -6.11
C TYR B 296 6.93 -19.88 -4.94
N PRO B 297 6.26 -19.67 -3.80
CA PRO B 297 6.95 -19.00 -2.69
C PRO B 297 8.18 -19.75 -2.20
N LEU B 298 8.12 -21.09 -2.13
CA LEU B 298 9.29 -21.85 -1.73
C LEU B 298 10.44 -21.65 -2.70
N ALA B 299 10.15 -21.67 -4.01
CA ALA B 299 11.20 -21.44 -4.99
C ALA B 299 11.79 -20.05 -4.84
N CYS B 300 10.95 -19.05 -4.58
CA CYS B 300 11.46 -17.69 -4.38
C CYS B 300 12.39 -17.63 -3.19
N TYR B 301 12.04 -18.30 -2.08
CA TYR B 301 12.93 -18.35 -0.93
C TYR B 301 14.24 -19.04 -1.30
N LEU B 302 14.16 -20.16 -2.03
CA LEU B 302 15.35 -20.92 -2.35
C LEU B 302 16.29 -20.14 -3.27
N ILE B 303 15.76 -19.26 -4.13
CA ILE B 303 16.63 -18.49 -5.00
C ILE B 303 17.58 -17.62 -4.19
N GLY B 304 17.10 -17.04 -3.10
CA GLY B 304 17.90 -16.10 -2.33
C GLY B 304 18.40 -16.63 -1.01
N ALA B 305 18.10 -17.88 -0.69
CA ALA B 305 18.43 -18.41 0.63
C ALA B 305 19.93 -18.42 0.88
N GLU B 306 20.31 -18.03 2.09
CA GLU B 306 21.69 -18.08 2.54
C GLU B 306 21.75 -18.85 3.87
N GLU B 307 22.97 -19.13 4.33
CA GLU B 307 23.15 -19.71 5.64
C GLU B 307 22.34 -18.94 6.68
N ASN B 308 21.64 -19.68 7.54
CA ASN B 308 20.89 -19.11 8.66
C ASN B 308 19.67 -18.31 8.20
N SER B 309 19.16 -18.60 7.01
CA SER B 309 17.87 -18.08 6.56
C SER B 309 16.83 -19.19 6.65
N TYR B 310 15.59 -18.80 6.96
CA TYR B 310 14.52 -19.75 7.20
C TYR B 310 13.25 -19.37 6.46
N PHE B 311 12.43 -20.40 6.19
CA PHE B 311 11.21 -20.30 5.41
C PHE B 311 10.03 -20.51 6.33
N CYS B 312 9.11 -19.54 6.35
CA CYS B 312 7.89 -19.60 7.14
C CYS B 312 6.71 -19.49 6.20
N TYR B 313 5.80 -20.47 6.26
CA TYR B 313 4.76 -20.57 5.26
C TYR B 313 3.40 -20.87 5.89
N GLY B 314 2.41 -20.12 5.47
CA GLY B 314 1.06 -20.22 5.98
C GLY B 314 0.30 -18.99 5.52
N TRP B 315 -0.97 -18.95 5.88
CA TRP B 315 -1.80 -17.79 5.53
C TRP B 315 -2.08 -16.93 6.74
N GLY B 316 -1.50 -17.24 7.89
CA GLY B 316 -1.74 -16.45 9.09
C GLY B 316 -0.86 -16.91 10.21
N TYR B 317 -1.08 -16.30 11.38
CA TYR B 317 -0.23 -16.53 12.53
C TYR B 317 -0.96 -17.26 13.65
N GLY B 318 -2.22 -17.65 13.44
CA GLY B 318 -2.85 -18.59 14.34
C GLY B 318 -2.30 -19.98 14.15
N ILE B 319 -2.38 -20.78 15.22
CA ILE B 319 -1.81 -22.12 15.18
C ILE B 319 -2.45 -22.97 14.10
N ASP B 320 -3.67 -22.64 13.67
CA ASP B 320 -4.39 -23.40 12.66
C ASP B 320 -4.31 -22.76 11.26
N ASP B 321 -3.39 -21.79 11.06
CA ASP B 321 -3.36 -21.01 9.84
C ASP B 321 -2.30 -21.47 8.84
N GLY B 322 -2.04 -22.78 8.77
CA GLY B 322 -1.27 -23.36 7.69
C GLY B 322 0.18 -23.62 8.00
N GLN B 323 0.67 -23.23 9.17
CA GLN B 323 2.07 -23.42 9.51
C GLN B 323 2.36 -24.79 10.10
N LEU B 324 1.43 -25.36 10.86
CA LEU B 324 1.59 -26.71 11.41
C LEU B 324 0.98 -27.74 10.45
N VAL B 325 1.48 -27.71 9.22
CA VAL B 325 1.04 -28.58 8.15
C VAL B 325 2.25 -29.34 7.63
N ASP B 326 2.08 -30.64 7.35
CA ASP B 326 3.18 -31.49 6.91
C ASP B 326 3.30 -31.40 5.39
N TYR B 327 3.92 -30.31 4.93
CA TYR B 327 4.14 -30.14 3.49
C TYR B 327 5.21 -31.13 3.04
N PRO B 328 4.98 -31.89 1.97
CA PRO B 328 5.99 -32.87 1.53
C PRO B 328 7.30 -32.22 1.14
N GLU B 329 7.27 -30.98 0.66
CA GLU B 329 8.49 -30.31 0.25
C GLU B 329 9.46 -30.13 1.41
N TYR B 330 8.98 -30.19 2.65
CA TYR B 330 9.88 -30.06 3.80
C TYR B 330 10.67 -31.33 4.08
N ARG B 331 10.38 -32.43 3.39
CA ARG B 331 11.03 -33.71 3.65
C ARG B 331 11.93 -34.17 2.52
N LYS B 332 11.88 -33.52 1.34
CA LYS B 332 12.71 -33.98 0.24
C LYS B 332 14.15 -33.52 0.43
N PRO B 333 15.14 -34.28 -0.03
CA PRO B 333 16.52 -33.81 0.06
C PRO B 333 16.70 -32.52 -0.72
N LEU B 334 17.24 -31.50 -0.05
CA LEU B 334 17.62 -30.27 -0.73
C LEU B 334 19.11 -30.24 -1.04
N GLY B 335 19.91 -30.39 0.00
CA GLY B 335 21.33 -30.26 -0.15
C GLY B 335 21.77 -28.81 -0.25
N ALA B 336 23.09 -28.62 -0.16
CA ALA B 336 23.63 -27.26 -0.18
C ALA B 336 23.54 -26.69 -1.60
N PRO B 337 23.41 -25.36 -1.72
CA PRO B 337 23.40 -24.76 -3.06
C PRO B 337 24.74 -24.89 -3.74
N LYS B 338 24.70 -25.12 -5.06
CA LYS B 338 25.94 -25.22 -5.83
C LYS B 338 26.57 -23.86 -6.02
N SER B 339 25.75 -22.80 -6.05
CA SER B 339 26.21 -21.44 -6.23
C SER B 339 25.01 -20.53 -5.98
N ARG B 340 25.26 -19.23 -5.99
CA ARG B 340 24.15 -18.29 -5.88
C ARG B 340 23.35 -18.29 -7.17
N ALA B 341 22.16 -17.70 -7.10
CA ALA B 341 21.25 -17.74 -8.23
C ALA B 341 21.79 -16.94 -9.40
N ARG B 342 21.42 -17.37 -10.61
CA ARG B 342 21.71 -16.66 -11.84
C ARG B 342 20.44 -16.03 -12.37
N ARG B 343 20.58 -14.84 -12.96
CA ARG B 343 19.45 -14.10 -13.50
C ARG B 343 19.55 -14.00 -15.01
N THR B 344 18.45 -14.33 -15.69
CA THR B 344 18.29 -14.14 -17.12
C THR B 344 16.97 -13.42 -17.33
N GLY B 345 17.03 -12.14 -17.66
CA GLY B 345 15.81 -11.34 -17.71
C GLY B 345 15.17 -11.30 -16.34
N TRP B 346 13.95 -11.80 -16.23
CA TRP B 346 13.25 -11.90 -14.95
C TRP B 346 13.09 -13.34 -14.49
N ILE B 347 13.87 -14.26 -15.06
CA ILE B 347 13.89 -15.64 -14.59
C ILE B 347 15.16 -15.85 -13.78
N PHE B 348 15.00 -16.41 -12.59
CA PHE B 348 16.10 -16.72 -11.69
C PHE B 348 16.20 -18.23 -11.54
N ARG B 349 17.42 -18.73 -11.55
CA ARG B 349 17.64 -20.17 -11.51
C ARG B 349 18.76 -20.45 -10.51
N ARG B 350 18.64 -21.57 -9.80
CA ARG B 350 19.63 -21.99 -8.83
C ARG B 350 19.55 -23.50 -8.70
N GLU B 351 20.70 -24.13 -8.48
CA GLU B 351 20.78 -25.57 -8.36
C GLU B 351 21.29 -25.94 -6.98
N PHE B 352 20.65 -26.92 -6.36
CA PHE B 352 21.09 -27.51 -5.10
C PHE B 352 21.53 -28.95 -5.38
N GLU B 353 22.12 -29.56 -4.36
CA GLU B 353 22.62 -30.92 -4.52
C GLU B 353 21.54 -31.86 -5.03
N HIS B 354 20.29 -31.66 -4.59
CA HIS B 354 19.20 -32.57 -4.93
C HIS B 354 18.00 -31.85 -5.53
N ALA B 355 18.13 -30.59 -5.94
CA ALA B 355 17.00 -29.87 -6.50
C ALA B 355 17.48 -28.78 -7.44
N ASN B 356 16.71 -28.55 -8.50
CA ASN B 356 16.92 -27.45 -9.43
C ASN B 356 15.72 -26.52 -9.33
N VAL B 357 15.99 -25.22 -9.19
CA VAL B 357 14.96 -24.23 -8.90
C VAL B 357 14.96 -23.18 -10.01
N ALA B 358 13.76 -22.80 -10.46
CA ALA B 358 13.59 -21.73 -11.43
C ALA B 358 12.33 -20.96 -11.10
N VAL B 359 12.41 -19.63 -11.13
CA VAL B 359 11.28 -18.76 -10.86
C VAL B 359 11.22 -17.70 -11.94
N ASP B 360 10.05 -17.52 -12.54
CA ASP B 360 9.78 -16.47 -13.50
C ASP B 360 8.96 -15.40 -12.76
N LEU B 361 9.63 -14.32 -12.37
CA LEU B 361 8.96 -13.28 -11.58
C LEU B 361 8.00 -12.46 -12.42
N GLU B 362 8.19 -12.42 -13.73
CA GLU B 362 7.30 -11.67 -14.61
C GLU B 362 5.96 -12.38 -14.77
N ASN B 363 6.01 -13.68 -15.05
CA ASN B 363 4.81 -14.49 -15.24
C ASN B 363 4.39 -15.21 -13.96
N ARG B 364 5.17 -15.07 -12.90
CA ARG B 364 4.87 -15.69 -11.61
C ARG B 364 4.66 -17.19 -11.77
N LYS B 365 5.64 -17.84 -12.39
CA LYS B 365 5.68 -19.28 -12.53
C LYS B 365 6.98 -19.79 -11.92
N ALA B 366 6.95 -21.01 -11.41
CA ALA B 366 8.14 -21.59 -10.81
C ALA B 366 8.15 -23.09 -11.04
N ARG B 367 9.35 -23.66 -10.95
CA ARG B 367 9.52 -25.10 -11.02
C ARG B 367 10.66 -25.51 -10.09
N ILE B 368 10.42 -26.56 -9.30
CA ILE B 368 11.46 -27.19 -8.49
C ILE B 368 11.56 -28.63 -8.96
N GLN B 369 12.69 -28.99 -9.55
CA GLN B 369 12.98 -30.36 -9.96
C GLN B 369 13.69 -31.07 -8.81
N TRP B 370 13.02 -32.03 -8.20
CA TRP B 370 13.58 -32.77 -7.07
C TRP B 370 14.24 -34.06 -7.57
N LEU B 371 15.42 -34.36 -7.04
CA LEU B 371 16.11 -35.61 -7.33
C LEU B 371 16.24 -35.86 -8.83
S1 MPO C . -10.94 11.18 -22.15
O1 MPO C . -9.80 10.66 -23.01
O2 MPO C . -11.94 11.60 -23.21
O4 MPO C . -9.44 13.67 -15.60
N1 MPO C . -10.19 13.80 -18.35
C1 MPO C . -10.40 12.60 -21.16
O3 MPO C . -11.48 10.08 -21.28
C2 MPO C . -11.57 13.07 -20.30
C3 MPO C . -11.13 14.22 -19.39
C4 MPO C . -9.76 14.95 -17.62
C5 MPO C . -8.80 14.56 -16.50
C6 MPO C . -9.77 12.48 -16.30
C7 MPO C . -10.70 12.77 -17.49
H11 MPO C . -10.09 13.40 -21.81
H12 MPO C . -9.58 12.30 -20.51
H21 MPO C . -11.94 12.25 -19.69
H22 MPO C . -12.37 13.42 -20.94
H31 MPO C . -10.65 14.97 -20.00
H32 MPO C . -12.00 14.64 -18.91
H41 MPO C . -10.62 15.44 -17.20
H42 MPO C . -9.24 15.62 -18.30
H51 MPO C . -8.51 15.45 -15.96
H52 MPO C . -7.93 14.09 -16.92
H61 MPO C . -10.27 11.79 -15.63
H62 MPO C . -8.86 12.02 -16.68
H71 MPO C . -10.82 11.86 -18.07
H72 MPO C . -11.66 13.08 -17.11
S1 MPO D . 1.42 -5.61 15.16
O1 MPO D . 1.17 -5.59 16.65
O2 MPO D . 0.25 -4.81 14.64
O4 MPO D . 5.17 -11.08 12.48
N1 MPO D . 2.88 -9.46 12.99
C1 MPO D . 1.38 -7.30 14.51
O3 MPO D . 2.74 -4.93 14.84
C2 MPO D . 1.68 -7.27 13.03
C3 MPO D . 1.74 -8.70 12.47
C4 MPO D . 2.78 -10.80 12.49
C5 MPO D . 3.95 -11.64 12.94
C6 MPO D . 5.31 -9.78 13.04
C7 MPO D . 4.14 -8.88 12.66
H11 MPO D . 0.39 -7.72 14.68
H12 MPO D . 2.12 -7.90 15.03
H21 MPO D . 2.64 -6.78 12.86
H22 MPO D . 0.91 -6.72 12.50
H31 MPO D . 0.82 -9.22 12.75
H32 MPO D . 1.82 -8.65 11.40
H41 MPO D . 2.74 -10.77 11.41
H42 MPO D . 1.86 -11.24 12.87
H51 MPO D . 3.85 -12.65 12.54
H52 MPO D . 3.98 -11.69 14.02
H61 MPO D . 6.24 -9.34 12.68
H62 MPO D . 5.36 -9.87 14.13
H71 MPO D . 4.24 -7.94 13.19
H72 MPO D . 4.17 -8.70 11.59
S SO4 E . -5.48 7.30 31.04
O1 SO4 E . -6.15 7.71 32.27
O2 SO4 E . -5.40 8.45 30.13
O3 SO4 E . -4.13 6.83 31.36
O4 SO4 E . -6.22 6.22 30.39
S SO4 F . 21.00 -11.23 -6.04
O1 SO4 F . 20.00 -12.11 -6.62
O2 SO4 F . 22.30 -11.88 -6.06
O3 SO4 F . 21.06 -9.98 -6.80
O4 SO4 F . 20.63 -10.93 -4.65
CA CA G . 12.58 -29.37 6.64
#